data_4FQY
#
_entry.id   4FQY
#
_cell.length_a   203.710
_cell.length_b   203.710
_cell.length_c   203.710
_cell.angle_alpha   90.00
_cell.angle_beta   90.00
_cell.angle_gamma   90.00
#
_symmetry.space_group_name_H-M   'I 21 3'
#
loop_
_entity.id
_entity.type
_entity.pdbx_description
1 polymer 'Hemagglutinin HA1'
2 polymer 'Hemagglutinin HA2'
3 polymer 'Antibody CR9114 heavy chain'
4 polymer 'Antibody CR9114 light chain'
#
loop_
_entity_poly.entity_id
_entity_poly.type
_entity_poly.pdbx_seq_one_letter_code
_entity_poly.pdbx_strand_id
1 'polypeptide(L)'
;ADPGATLCLGHHAVPNGTLVKTITDDQIEVTNATELVQSSSTGKICNNPHRILDGIDCTLIDALLGDPHCDVFQNETWDL
FVERSKAFSNCYPYDVPDYASLRSLVASSGTLEFITEGFTWTGVTQNGGSNACKRGPGSGFFSRLNWLTKSGSTYPVLNV
TMPNNDNFDKLYIWGVHHPSTNQEQTSLYVQASGRVTVSTRRSQQTIIPNIGSRPWVRGLSSRISIYWTIVKPGDVLVIN
SNGNLIAPRGYFKMRTGKSSIMRSDAPIDTCISECITPNGSIPNDKPFQNVNKITYGACPKYVKQNTLKLATGMRNVPEK
QTR
;
A
2 'polypeptide(L)'
;GLFGAIAGFIENGWEGMIDGWYGFRHQNSEGTGQAADLKSTQAAIDQINGKLNRVIEKTNEKFHQIEKEFSEVEGRIQDL
EKYVEDTKIDLWSYNAELLVALENQHTIDLTDSEMNKLFEKTGRQLRENAEDMGNGCFKIYHKCDNACIESIRNGTYDHD
VYRDEALNNRFQIK
;
B
3 'polypeptide(L)'
;QVQLVQSGAEVKKPGSSVKVSCKSSGGTSNNYAISWVRQAPGQGLDWMGGISPIFGSTAYAQKFQGRVTISADIFSNTAY
MELNSLTSEDTAVYFCARHGNYYYYSGMDVWGQGTTVTVSSASTKGPSVFPLAPSSKSTSGGTAALGCLVKDYFPEPVTV
SWNSGALTSGVHTFPAVLQSSGLYSLSSVVTVPSSSLGTQTYICNVNHKPSNTKVDKRVEPKSC
;
H
4 'polypeptide(L)'
;QSALTQPPAVSGTPGQRVTISCSGSDSNIGRRSVNWYQQFPGTAPKLLIYSNDQRPSVVPDRFSGSKSGTSASLAISGLQ
SEDEAEYYCAAWDDSLKGAVFGGGTQLTVLGQPKAAPSVTLFPPSSEELQANKATLVCLISDFYPGAVTVAWKADSSPVK
AGVETTTPSKQSNNKYAASSYLSLTPEQWKSHRSYSCQVTHEGSTVEKTVAPTECS
;
L
#
# COMPACT_ATOMS: atom_id res chain seq x y z
N PRO A 3 -34.72 26.10 41.36
CA PRO A 3 -33.33 26.31 40.89
C PRO A 3 -32.57 24.99 40.70
N GLY A 4 -32.38 24.62 39.44
CA GLY A 4 -31.67 23.40 39.11
C GLY A 4 -31.16 23.39 37.69
N ALA A 5 -31.07 22.19 37.14
CA ALA A 5 -30.58 22.05 35.80
C ALA A 5 -31.22 20.82 35.18
N THR A 6 -31.01 20.64 33.88
CA THR A 6 -31.49 19.47 33.16
C THR A 6 -30.30 18.95 32.37
N LEU A 7 -30.16 17.62 32.34
CA LEU A 7 -29.09 16.99 31.63
C LEU A 7 -29.73 15.88 30.79
N CYS A 8 -29.67 16.04 29.47
CA CYS A 8 -30.31 15.10 28.54
C CYS A 8 -29.27 14.23 27.86
N LEU A 9 -29.57 12.95 27.75
CA LEU A 9 -28.71 12.03 26.99
C LEU A 9 -29.29 11.83 25.60
N GLY A 10 -28.41 11.68 24.63
CA GLY A 10 -28.87 11.45 23.29
C GLY A 10 -27.83 10.84 22.40
N HIS A 11 -28.19 10.70 21.14
CA HIS A 11 -27.31 10.10 20.13
C HIS A 11 -27.48 10.87 18.83
N HIS A 12 -26.54 10.72 17.93
CA HIS A 12 -26.60 11.45 16.67
C HIS A 12 -27.59 10.88 15.67
N ALA A 13 -27.82 11.64 14.59
CA ALA A 13 -28.62 11.23 13.46
C ALA A 13 -28.15 12.05 12.26
N VAL A 14 -28.54 11.64 11.05
CA VAL A 14 -28.22 12.39 9.84
C VAL A 14 -29.50 12.57 9.02
N PRO A 15 -29.54 13.55 8.12
CA PRO A 15 -30.77 13.82 7.38
C PRO A 15 -31.29 12.62 6.57
N ASN A 16 -30.38 11.87 5.95
CA ASN A 16 -30.77 10.57 5.37
C ASN A 16 -29.64 9.57 5.47
N GLY A 17 -29.96 8.38 5.95
CA GLY A 17 -28.95 7.38 6.15
C GLY A 17 -29.03 6.41 5.01
N THR A 18 -28.90 5.13 5.34
N THR A 18 -28.92 5.13 5.35
CA THR A 18 -28.85 4.05 4.40
CA THR A 18 -28.95 4.13 4.33
C THR A 18 -29.79 2.95 4.85
C THR A 18 -29.70 2.91 4.83
N LEU A 19 -30.43 2.29 3.91
CA LEU A 19 -31.32 1.20 4.24
C LEU A 19 -30.55 -0.12 4.22
N VAL A 20 -30.77 -0.91 5.25
CA VAL A 20 -30.23 -2.26 5.39
C VAL A 20 -31.30 -3.29 5.79
N LYS A 21 -30.93 -4.56 5.70
CA LYS A 21 -31.83 -5.65 6.04
C LYS A 21 -31.45 -6.24 7.38
N THR A 22 -32.43 -6.70 8.14
CA THR A 22 -32.17 -7.35 9.41
C THR A 22 -32.95 -8.65 9.46
N ILE A 23 -32.99 -9.28 10.63
CA ILE A 23 -33.80 -10.48 10.85
C ILE A 23 -35.29 -10.18 10.73
N THR A 24 -35.68 -9.01 11.20
N THR A 24 -35.66 -9.00 11.20
CA THR A 24 -37.09 -8.68 11.30
CA THR A 24 -37.06 -8.64 11.31
C THR A 24 -37.56 -7.67 10.26
C THR A 24 -37.53 -7.81 10.12
N ASP A 25 -36.63 -6.99 9.60
CA ASP A 25 -36.99 -5.96 8.64
C ASP A 25 -36.29 -6.11 7.31
N ASP A 26 -37.05 -6.01 6.22
N ASP A 26 -37.06 -6.02 6.22
CA ASP A 26 -36.46 -6.05 4.88
CA ASP A 26 -36.51 -6.04 4.88
C ASP A 26 -35.71 -4.76 4.58
C ASP A 26 -35.70 -4.77 4.62
N GLN A 27 -36.13 -3.66 5.22
CA GLN A 27 -35.47 -2.37 5.01
C GLN A 27 -35.60 -1.51 6.25
N ILE A 28 -34.47 -1.14 6.85
CA ILE A 28 -34.52 -0.24 8.01
C ILE A 28 -33.33 0.72 7.93
N GLU A 29 -33.52 1.98 8.33
CA GLU A 29 -32.52 3.00 8.10
C GLU A 29 -31.51 3.11 9.22
N VAL A 30 -30.23 3.01 8.87
CA VAL A 30 -29.14 3.26 9.79
C VAL A 30 -28.30 4.43 9.34
N THR A 31 -27.38 4.90 10.19
CA THR A 31 -26.65 6.10 9.83
C THR A 31 -25.63 5.82 8.73
N ASN A 32 -25.16 4.59 8.59
CA ASN A 32 -24.08 4.32 7.63
C ASN A 32 -24.03 2.81 7.40
N ALA A 33 -23.53 2.40 6.24
CA ALA A 33 -23.34 1.00 5.98
C ALA A 33 -22.24 0.86 4.93
N THR A 34 -21.80 -0.38 4.70
CA THR A 34 -20.77 -0.61 3.72
C THR A 34 -21.18 -1.83 2.87
N GLU A 35 -20.79 -1.78 1.61
CA GLU A 35 -21.22 -2.75 0.62
C GLU A 35 -20.38 -4.00 0.74
N LEU A 36 -21.00 -5.16 0.75
CA LEU A 36 -20.21 -6.39 0.85
C LEU A 36 -20.10 -7.17 -0.45
N VAL A 37 -20.81 -6.72 -1.49
CA VAL A 37 -20.77 -7.39 -2.78
C VAL A 37 -20.04 -6.54 -3.81
N GLN A 38 -18.93 -7.08 -4.32
CA GLN A 38 -18.24 -6.42 -5.42
C GLN A 38 -19.00 -6.67 -6.69
N SER A 39 -19.48 -5.60 -7.31
CA SER A 39 -20.34 -5.74 -8.48
C SER A 39 -19.78 -5.11 -9.73
N SER A 40 -18.61 -4.51 -9.65
CA SER A 40 -18.00 -3.88 -10.82
C SER A 40 -16.58 -4.36 -11.05
N SER A 41 -16.16 -4.24 -12.32
CA SER A 41 -14.79 -4.47 -12.74
C SER A 41 -14.38 -3.34 -13.68
N THR A 42 -13.08 -3.04 -13.74
CA THR A 42 -12.54 -2.13 -14.76
C THR A 42 -12.71 -2.69 -16.16
N GLY A 43 -12.80 -4.01 -16.27
CA GLY A 43 -12.92 -4.64 -17.57
C GLY A 43 -11.58 -5.05 -18.12
N LYS A 44 -10.53 -4.92 -17.31
CA LYS A 44 -9.20 -5.33 -17.77
C LYS A 44 -8.58 -6.31 -16.79
N ILE A 45 -7.90 -7.29 -17.34
CA ILE A 45 -7.13 -8.24 -16.55
C ILE A 45 -5.76 -7.66 -16.22
N CYS A 46 -5.46 -7.55 -14.93
CA CYS A 46 -4.16 -7.06 -14.47
C CYS A 46 -3.06 -8.09 -14.61
N ASN A 47 -1.90 -7.67 -15.16
CA ASN A 47 -0.79 -8.58 -15.42
C ASN A 47 0.11 -8.87 -14.23
N ASN A 48 -0.23 -8.32 -13.07
CA ASN A 48 0.44 -8.65 -11.83
C ASN A 48 -0.59 -8.87 -10.76
N PRO A 49 -0.29 -9.73 -9.77
CA PRO A 49 0.97 -10.42 -9.55
C PRO A 49 1.07 -11.77 -10.28
N HIS A 50 -0.01 -12.20 -10.91
CA HIS A 50 -0.02 -13.53 -11.54
C HIS A 50 0.63 -13.47 -12.91
N ARG A 51 1.32 -14.53 -13.30
CA ARG A 51 1.89 -14.56 -14.63
C ARG A 51 0.82 -14.91 -15.65
N ILE A 52 0.47 -13.94 -16.49
CA ILE A 52 -0.59 -14.11 -17.46
C ILE A 52 0.03 -14.42 -18.81
N LEU A 53 -0.46 -15.45 -19.50
CA LEU A 53 -0.02 -15.72 -20.85
C LEU A 53 -1.23 -15.58 -21.75
N ASP A 54 -1.22 -14.58 -22.62
CA ASP A 54 -2.31 -14.33 -23.55
C ASP A 54 -2.15 -15.23 -24.76
N GLY A 55 -3.13 -16.09 -25.00
CA GLY A 55 -3.05 -17.05 -26.08
C GLY A 55 -3.20 -16.42 -27.44
N ILE A 56 -3.74 -15.21 -27.49
CA ILE A 56 -3.97 -14.51 -28.75
C ILE A 56 -4.72 -15.39 -29.75
N ASP A 57 -4.10 -15.76 -30.86
CA ASP A 57 -4.77 -16.56 -31.89
C ASP A 57 -4.76 -18.06 -31.59
N CYS A 58 -4.24 -18.47 -30.43
CA CYS A 58 -4.04 -19.87 -30.16
C CYS A 58 -4.78 -20.39 -28.94
N THR A 59 -5.33 -21.59 -29.08
CA THR A 59 -5.77 -22.34 -27.91
C THR A 59 -4.56 -23.02 -27.26
N LEU A 60 -4.72 -23.45 -26.02
CA LEU A 60 -3.65 -24.12 -25.33
C LEU A 60 -3.31 -25.43 -26.00
N ILE A 61 -4.31 -26.16 -26.50
CA ILE A 61 -4.02 -27.42 -27.20
C ILE A 61 -3.26 -27.18 -28.50
N ASP A 62 -3.60 -26.16 -29.28
CA ASP A 62 -2.81 -25.86 -30.49
C ASP A 62 -1.38 -25.47 -30.17
N ALA A 63 -1.17 -24.76 -29.06
CA ALA A 63 0.19 -24.41 -28.62
C ALA A 63 0.93 -25.69 -28.20
N LEU A 64 0.22 -26.57 -27.48
CA LEU A 64 0.81 -27.83 -27.02
C LEU A 64 1.31 -28.67 -28.21
N LEU A 65 0.44 -28.86 -29.19
CA LEU A 65 0.76 -29.73 -30.33
C LEU A 65 1.83 -29.11 -31.24
N GLY A 66 1.85 -27.78 -31.32
CA GLY A 66 2.84 -27.09 -32.12
C GLY A 66 2.35 -26.74 -33.52
N ASP A 67 1.07 -26.39 -33.62
CA ASP A 67 0.52 -25.71 -34.80
C ASP A 67 1.50 -24.56 -35.13
N PRO A 68 1.99 -24.47 -36.40
CA PRO A 68 3.05 -23.48 -36.62
C PRO A 68 2.75 -22.05 -36.12
N HIS A 69 1.54 -21.53 -36.31
CA HIS A 69 1.31 -20.13 -35.88
C HIS A 69 1.23 -20.04 -34.36
N CYS A 70 1.24 -21.17 -33.68
CA CYS A 70 1.27 -21.18 -32.22
C CYS A 70 2.65 -21.52 -31.64
N ASP A 71 3.67 -21.75 -32.47
CA ASP A 71 4.97 -22.18 -31.96
C ASP A 71 5.72 -21.07 -31.21
N VAL A 72 5.21 -19.85 -31.27
N VAL A 72 5.23 -19.83 -31.32
CA VAL A 72 5.75 -18.76 -30.49
CA VAL A 72 5.72 -18.76 -30.48
C VAL A 72 5.50 -19.01 -28.99
C VAL A 72 5.64 -19.15 -29.01
N PHE A 73 4.67 -20.00 -28.69
CA PHE A 73 4.41 -20.44 -27.31
C PHE A 73 5.26 -21.62 -26.82
N GLN A 74 6.19 -22.09 -27.65
CA GLN A 74 7.06 -23.20 -27.23
C GLN A 74 7.76 -22.90 -25.92
N ASN A 75 7.67 -23.86 -25.00
CA ASN A 75 8.33 -23.79 -23.69
C ASN A 75 7.81 -22.69 -22.79
N GLU A 76 6.63 -22.13 -23.09
CA GLU A 76 6.13 -21.02 -22.30
C GLU A 76 5.57 -21.56 -20.98
N THR A 77 5.43 -20.67 -20.00
CA THR A 77 4.85 -21.01 -18.70
C THR A 77 3.82 -19.94 -18.33
N TRP A 78 2.95 -20.25 -17.36
CA TRP A 78 1.92 -19.31 -16.98
C TRP A 78 1.39 -19.69 -15.60
N ASP A 79 0.87 -18.69 -14.90
CA ASP A 79 -0.05 -18.96 -13.80
C ASP A 79 -1.45 -19.06 -14.39
N LEU A 80 -1.79 -18.12 -15.27
CA LEU A 80 -3.08 -18.17 -15.96
C LEU A 80 -2.94 -18.01 -17.46
N PHE A 81 -3.35 -19.02 -18.22
CA PHE A 81 -3.40 -18.97 -19.68
C PHE A 81 -4.76 -18.41 -20.07
N VAL A 82 -4.78 -17.40 -20.94
CA VAL A 82 -6.03 -16.75 -21.36
C VAL A 82 -6.35 -17.10 -22.80
N GLU A 83 -7.39 -17.89 -23.01
CA GLU A 83 -7.83 -18.23 -24.35
C GLU A 83 -8.83 -17.24 -24.88
N ARG A 84 -8.58 -16.79 -26.11
CA ARG A 84 -9.39 -15.79 -26.79
C ARG A 84 -10.39 -16.42 -27.77
N SER A 85 -11.54 -15.79 -27.92
CA SER A 85 -12.56 -16.32 -28.82
C SER A 85 -12.08 -16.29 -30.28
N LYS A 86 -11.11 -15.44 -30.60
CA LYS A 86 -10.60 -15.36 -31.99
C LYS A 86 -9.59 -16.42 -32.35
N ALA A 87 -9.25 -17.31 -31.42
CA ALA A 87 -8.25 -18.33 -31.70
C ALA A 87 -8.71 -19.19 -32.86
N PHE A 88 -7.77 -19.71 -33.65
CA PHE A 88 -8.10 -20.59 -34.76
C PHE A 88 -6.96 -21.62 -34.91
N SER A 89 -7.31 -22.78 -35.45
CA SER A 89 -6.34 -23.82 -35.82
C SER A 89 -5.95 -23.66 -37.27
N ASN A 90 -4.70 -23.99 -37.60
CA ASN A 90 -4.29 -23.88 -38.98
C ASN A 90 -3.30 -24.96 -39.38
N CYS A 91 -3.56 -26.17 -38.95
CA CYS A 91 -2.65 -27.27 -39.22
C CYS A 91 -3.50 -28.47 -39.62
N TYR A 92 -2.97 -29.67 -39.42
CA TYR A 92 -3.71 -30.85 -39.89
C TYR A 92 -4.99 -30.95 -39.05
N PRO A 93 -6.13 -31.26 -39.68
CA PRO A 93 -7.36 -31.35 -38.88
C PRO A 93 -7.36 -32.54 -37.93
N TYR A 94 -7.76 -32.31 -36.69
CA TYR A 94 -7.56 -33.26 -35.63
C TYR A 94 -8.73 -33.25 -34.65
N ASP A 95 -8.87 -34.30 -33.88
CA ASP A 95 -9.74 -34.23 -32.71
C ASP A 95 -8.99 -34.85 -31.54
N VAL A 96 -9.45 -34.56 -30.34
CA VAL A 96 -8.86 -35.10 -29.14
C VAL A 96 -10.00 -35.72 -28.37
N PRO A 97 -10.10 -37.06 -28.36
CA PRO A 97 -11.06 -37.66 -27.43
C PRO A 97 -10.72 -37.15 -26.01
N ASP A 98 -11.73 -36.74 -25.29
CA ASP A 98 -11.50 -36.11 -23.98
C ASP A 98 -10.58 -34.88 -24.03
N TYR A 99 -10.83 -34.04 -25.04
CA TYR A 99 -10.19 -32.74 -25.20
C TYR A 99 -10.19 -31.98 -23.88
N ALA A 100 -11.33 -31.97 -23.18
CA ALA A 100 -11.42 -31.13 -21.99
C ALA A 100 -10.41 -31.57 -20.93
N SER A 101 -10.19 -32.88 -20.81
CA SER A 101 -9.27 -33.38 -19.82
C SER A 101 -7.83 -33.06 -20.19
N LEU A 102 -7.46 -33.20 -21.46
CA LEU A 102 -6.07 -32.86 -21.83
C LEU A 102 -5.80 -31.39 -21.59
N ARG A 103 -6.74 -30.56 -22.01
CA ARG A 103 -6.65 -29.10 -21.80
C ARG A 103 -6.52 -28.78 -20.33
N SER A 104 -7.33 -29.45 -19.51
CA SER A 104 -7.28 -29.20 -18.08
C SER A 104 -5.93 -29.57 -17.45
N LEU A 105 -5.42 -30.75 -17.79
CA LEU A 105 -4.24 -31.24 -17.12
C LEU A 105 -3.01 -30.46 -17.56
N VAL A 106 -2.97 -30.02 -18.82
CA VAL A 106 -1.89 -29.16 -19.27
C VAL A 106 -2.01 -27.76 -18.62
N ALA A 107 -3.24 -27.24 -18.54
CA ALA A 107 -3.44 -25.90 -17.97
C ALA A 107 -2.97 -25.87 -16.52
N SER A 108 -3.25 -26.95 -15.81
CA SER A 108 -2.91 -27.11 -14.40
C SER A 108 -1.41 -27.31 -14.19
N SER A 109 -0.76 -28.02 -15.12
CA SER A 109 0.68 -28.19 -15.09
C SER A 109 1.40 -26.84 -15.24
N GLY A 110 0.86 -25.96 -16.09
CA GLY A 110 1.32 -24.58 -16.13
C GLY A 110 2.58 -24.38 -16.96
N THR A 111 2.93 -25.35 -17.80
CA THR A 111 4.11 -25.19 -18.63
C THR A 111 3.98 -26.01 -19.90
N LEU A 112 4.61 -25.53 -20.97
CA LEU A 112 4.76 -26.31 -22.20
C LEU A 112 6.24 -26.75 -22.39
N GLU A 113 7.01 -26.76 -21.32
CA GLU A 113 8.40 -27.20 -21.42
C GLU A 113 8.45 -28.57 -22.04
N PHE A 114 9.22 -28.68 -23.11
CA PHE A 114 9.28 -29.89 -23.90
C PHE A 114 10.75 -30.32 -24.07
N ILE A 115 11.00 -31.62 -23.98
CA ILE A 115 12.33 -32.19 -24.07
C ILE A 115 12.27 -33.22 -25.18
N THR A 116 13.03 -32.99 -26.23
CA THR A 116 13.09 -33.90 -27.33
C THR A 116 13.85 -35.14 -26.88
N GLU A 117 13.38 -36.30 -27.30
CA GLU A 117 14.10 -37.54 -27.06
C GLU A 117 14.49 -38.22 -28.39
N GLY A 118 15.57 -38.99 -28.35
CA GLY A 118 16.10 -39.60 -29.55
C GLY A 118 15.43 -40.92 -29.84
N PHE A 119 14.14 -40.88 -30.17
CA PHE A 119 13.46 -42.08 -30.63
C PHE A 119 14.15 -42.55 -31.92
N THR A 120 14.23 -43.86 -32.10
CA THR A 120 14.72 -44.45 -33.33
C THR A 120 13.56 -45.12 -34.05
N TRP A 121 13.34 -44.75 -35.31
CA TRP A 121 12.22 -45.27 -36.07
C TRP A 121 12.77 -45.99 -37.27
N THR A 122 13.07 -47.26 -37.08
CA THR A 122 13.80 -48.00 -38.09
C THR A 122 12.85 -48.42 -39.19
N GLY A 123 13.20 -48.08 -40.42
CA GLY A 123 12.50 -48.60 -41.57
C GLY A 123 11.27 -47.82 -41.98
N VAL A 124 11.13 -46.58 -41.48
CA VAL A 124 10.06 -45.69 -41.92
C VAL A 124 10.63 -44.35 -42.30
N THR A 125 9.86 -43.59 -43.09
CA THR A 125 10.22 -42.20 -43.41
C THR A 125 9.67 -41.27 -42.33
N GLN A 126 10.49 -40.32 -41.83
CA GLN A 126 10.03 -39.42 -40.77
C GLN A 126 9.64 -38.05 -41.32
N ASN A 127 9.05 -37.23 -40.47
CA ASN A 127 8.84 -35.80 -40.74
C ASN A 127 7.86 -35.51 -41.87
N GLY A 128 6.81 -36.30 -41.98
CA GLY A 128 5.81 -36.06 -43.00
C GLY A 128 5.15 -34.71 -42.78
N GLY A 129 4.70 -34.07 -43.86
CA GLY A 129 4.05 -32.78 -43.76
C GLY A 129 2.91 -32.64 -44.74
N SER A 130 2.23 -31.50 -44.68
CA SER A 130 1.00 -31.29 -45.43
C SER A 130 0.82 -29.81 -45.75
N ASN A 131 0.20 -29.53 -46.89
CA ASN A 131 -0.11 -28.15 -47.23
C ASN A 131 -1.30 -27.59 -46.43
N ALA A 132 -1.91 -28.45 -45.60
CA ALA A 132 -2.92 -28.01 -44.63
C ALA A 132 -2.25 -27.37 -43.42
N CYS A 133 -0.95 -27.57 -43.28
CA CYS A 133 -0.19 -27.10 -42.14
C CYS A 133 1.14 -26.48 -42.57
N LYS A 134 1.09 -25.37 -43.28
CA LYS A 134 2.29 -24.71 -43.80
C LYS A 134 3.14 -24.12 -42.69
N ARG A 135 4.44 -24.25 -42.84
CA ARG A 135 5.40 -23.69 -41.91
C ARG A 135 6.32 -22.85 -42.77
N GLY A 136 6.15 -21.54 -42.71
CA GLY A 136 6.81 -20.70 -43.70
C GLY A 136 6.21 -20.99 -45.07
N PRO A 137 7.02 -20.95 -46.12
CA PRO A 137 6.37 -21.10 -47.43
C PRO A 137 5.96 -22.54 -47.77
N GLY A 138 6.63 -23.54 -47.20
CA GLY A 138 6.36 -24.92 -47.55
C GLY A 138 5.37 -25.70 -46.68
N SER A 139 5.03 -26.90 -47.15
CA SER A 139 4.24 -27.86 -46.37
C SER A 139 4.94 -28.12 -45.05
N GLY A 140 4.17 -28.43 -44.02
CA GLY A 140 4.75 -28.68 -42.71
C GLY A 140 3.81 -29.49 -41.82
N PHE A 141 4.09 -29.48 -40.52
CA PHE A 141 3.33 -30.30 -39.59
C PHE A 141 3.54 -29.71 -38.19
N PHE A 142 2.77 -30.22 -37.23
CA PHE A 142 2.92 -29.87 -35.82
C PHE A 142 4.37 -30.06 -35.41
N SER A 143 4.89 -29.12 -34.65
CA SER A 143 6.30 -29.15 -34.30
C SER A 143 6.61 -30.30 -33.32
N ARG A 144 5.62 -30.73 -32.53
CA ARG A 144 5.90 -31.72 -31.48
C ARG A 144 5.58 -33.16 -31.91
N LEU A 145 5.11 -33.32 -33.13
CA LEU A 145 4.70 -34.61 -33.63
C LEU A 145 5.49 -34.96 -34.90
N ASN A 146 5.55 -36.26 -35.19
CA ASN A 146 6.43 -36.77 -36.22
C ASN A 146 5.61 -37.77 -37.07
N TRP A 147 5.21 -37.33 -38.24
CA TRP A 147 4.37 -38.12 -39.09
C TRP A 147 5.22 -39.15 -39.85
N LEU A 148 5.09 -40.42 -39.44
CA LEU A 148 5.88 -41.50 -40.04
C LEU A 148 5.13 -42.16 -41.17
N THR A 149 5.81 -42.43 -42.29
CA THR A 149 5.22 -43.18 -43.39
C THR A 149 6.18 -44.28 -43.87
N LYS A 150 5.74 -45.05 -44.87
CA LYS A 150 6.55 -46.14 -45.38
C LYS A 150 7.89 -45.64 -45.88
N SER A 151 8.87 -46.54 -45.89
CA SER A 151 10.14 -46.28 -46.54
C SER A 151 10.33 -47.37 -47.60
N GLY A 152 10.56 -46.95 -48.85
CA GLY A 152 10.51 -47.88 -49.97
C GLY A 152 9.11 -48.45 -50.12
N SER A 153 8.98 -49.77 -50.04
CA SER A 153 7.69 -50.41 -50.24
C SER A 153 7.16 -51.11 -48.98
N THR A 154 7.72 -50.77 -47.81
CA THR A 154 7.32 -51.45 -46.59
C THR A 154 7.20 -50.50 -45.42
N TYR A 155 6.40 -50.90 -44.45
CA TYR A 155 6.30 -50.21 -43.18
C TYR A 155 6.34 -51.33 -42.15
N PRO A 156 7.48 -51.47 -41.46
CA PRO A 156 7.68 -52.59 -40.52
C PRO A 156 6.90 -52.39 -39.23
N VAL A 157 6.90 -53.39 -38.36
CA VAL A 157 6.32 -53.23 -37.05
C VAL A 157 7.31 -52.38 -36.24
N LEU A 158 6.90 -51.16 -35.92
CA LEU A 158 7.68 -50.32 -35.02
C LEU A 158 7.50 -50.82 -33.61
N ASN A 159 8.59 -50.82 -32.86
CA ASN A 159 8.60 -51.33 -31.50
C ASN A 159 9.72 -50.63 -30.75
N VAL A 160 9.40 -49.52 -30.07
CA VAL A 160 10.45 -48.72 -29.45
C VAL A 160 10.10 -48.42 -28.00
N THR A 161 11.13 -48.21 -27.19
CA THR A 161 10.91 -47.93 -25.79
C THR A 161 11.72 -46.72 -25.37
N MET A 162 11.21 -46.03 -24.34
CA MET A 162 11.86 -44.85 -23.80
C MET A 162 11.62 -44.87 -22.30
N PRO A 163 12.67 -45.18 -21.52
CA PRO A 163 12.51 -45.26 -20.08
C PRO A 163 12.45 -43.88 -19.44
N ASN A 164 11.72 -43.75 -18.35
CA ASN A 164 11.76 -42.54 -17.55
C ASN A 164 12.73 -42.75 -16.39
N ASN A 165 13.94 -42.21 -16.54
CA ASN A 165 14.94 -42.32 -15.50
C ASN A 165 15.12 -41.02 -14.77
N ASP A 166 14.14 -40.13 -14.95
CA ASP A 166 14.10 -38.86 -14.27
C ASP A 166 13.24 -38.99 -13.03
N ASN A 167 13.17 -37.94 -12.23
CA ASN A 167 12.38 -37.98 -11.01
C ASN A 167 11.15 -37.10 -11.11
N PHE A 168 10.69 -36.84 -12.34
CA PHE A 168 9.41 -36.18 -12.57
C PHE A 168 8.61 -37.00 -13.58
N ASP A 169 7.31 -36.73 -13.65
CA ASP A 169 6.43 -37.36 -14.62
C ASP A 169 6.58 -36.76 -16.01
N LYS A 170 6.53 -37.62 -17.02
CA LYS A 170 6.61 -37.19 -18.40
C LYS A 170 5.24 -37.30 -19.06
N LEU A 171 4.84 -36.28 -19.78
CA LEU A 171 3.64 -36.33 -20.60
C LEU A 171 4.01 -36.50 -22.08
N TYR A 172 3.58 -37.61 -22.66
CA TYR A 172 3.71 -37.89 -24.09
C TYR A 172 2.41 -37.63 -24.84
N ILE A 173 2.49 -36.82 -25.88
CA ILE A 173 1.36 -36.58 -26.78
C ILE A 173 1.66 -37.28 -28.10
N TRP A 174 0.70 -38.07 -28.59
CA TRP A 174 0.87 -38.84 -29.80
C TRP A 174 -0.45 -38.91 -30.51
N GLY A 175 -0.49 -39.54 -31.68
CA GLY A 175 -1.70 -39.53 -32.48
C GLY A 175 -1.82 -40.72 -33.38
N VAL A 176 -2.98 -40.79 -34.03
CA VAL A 176 -3.31 -41.85 -34.95
C VAL A 176 -3.93 -41.16 -36.16
N HIS A 177 -3.44 -41.49 -37.34
CA HIS A 177 -3.95 -40.92 -38.57
C HIS A 177 -5.11 -41.77 -39.09
N HIS A 178 -6.23 -41.12 -39.43
CA HIS A 178 -7.34 -41.77 -40.13
C HIS A 178 -7.42 -41.27 -41.56
N PRO A 179 -6.95 -42.08 -42.53
CA PRO A 179 -7.03 -41.70 -43.94
C PRO A 179 -8.46 -41.68 -44.44
N SER A 180 -8.72 -40.90 -45.45
CA SER A 180 -10.05 -40.81 -45.99
C SER A 180 -10.37 -41.96 -46.96
N THR A 181 -9.34 -42.56 -47.56
CA THR A 181 -9.53 -43.68 -48.52
C THR A 181 -8.53 -44.83 -48.30
N ASN A 182 -8.86 -45.99 -48.84
CA ASN A 182 -7.95 -47.13 -48.79
C ASN A 182 -6.68 -46.86 -49.59
N GLN A 183 -6.80 -46.12 -50.69
CA GLN A 183 -5.64 -45.75 -51.49
C GLN A 183 -4.65 -44.95 -50.66
N GLU A 184 -5.15 -44.00 -49.88
CA GLU A 184 -4.30 -43.21 -49.01
C GLU A 184 -3.67 -44.13 -47.96
N GLN A 185 -4.49 -44.98 -47.36
CA GLN A 185 -3.99 -45.89 -46.31
C GLN A 185 -2.80 -46.71 -46.82
N THR A 186 -2.93 -47.28 -48.01
CA THR A 186 -1.90 -48.20 -48.47
C THR A 186 -0.70 -47.43 -49.03
N SER A 187 -0.94 -46.26 -49.62
CA SER A 187 0.16 -45.46 -50.17
C SER A 187 1.09 -45.03 -49.06
N LEU A 188 0.49 -44.69 -47.92
CA LEU A 188 1.27 -44.20 -46.79
C LEU A 188 1.87 -45.33 -45.93
N TYR A 189 1.09 -46.37 -45.67
CA TYR A 189 1.39 -47.30 -44.57
C TYR A 189 1.51 -48.76 -45.02
N VAL A 190 1.25 -49.01 -46.32
CA VAL A 190 1.33 -50.34 -46.93
C VAL A 190 0.26 -51.28 -46.39
N GLN A 191 0.24 -51.49 -45.08
CA GLN A 191 -0.80 -52.29 -44.46
C GLN A 191 -2.19 -51.70 -44.74
N ALA A 192 -3.17 -52.58 -44.94
CA ALA A 192 -4.54 -52.18 -45.26
C ALA A 192 -5.27 -51.60 -44.05
N SER A 193 -4.82 -51.98 -42.86
CA SER A 193 -5.35 -51.46 -41.62
C SER A 193 -4.19 -51.33 -40.65
N GLY A 194 -4.08 -50.17 -40.01
CA GLY A 194 -3.00 -49.94 -39.08
C GLY A 194 -3.39 -50.21 -37.66
N ARG A 195 -2.49 -49.90 -36.73
CA ARG A 195 -2.77 -50.06 -35.32
C ARG A 195 -1.71 -49.31 -34.54
N VAL A 196 -2.10 -48.64 -33.46
CA VAL A 196 -1.15 -48.01 -32.56
C VAL A 196 -1.41 -48.46 -31.13
N THR A 197 -0.41 -48.99 -30.47
CA THR A 197 -0.54 -49.42 -29.08
C THR A 197 0.57 -48.73 -28.31
N VAL A 198 0.20 -47.95 -27.31
CA VAL A 198 1.16 -47.27 -26.49
C VAL A 198 0.87 -47.68 -25.05
N SER A 199 1.90 -48.07 -24.31
CA SER A 199 1.68 -48.60 -22.98
C SER A 199 2.79 -48.24 -22.03
N THR A 200 2.47 -48.33 -20.75
CA THR A 200 3.44 -48.29 -19.67
C THR A 200 3.33 -49.62 -18.91
N ARG A 201 3.99 -49.73 -17.77
N ARG A 201 3.94 -49.71 -17.74
CA ARG A 201 3.95 -50.97 -17.02
CA ARG A 201 3.96 -50.98 -17.04
C ARG A 201 2.50 -51.31 -16.72
C ARG A 201 2.62 -51.31 -16.42
N ARG A 202 1.73 -50.31 -16.30
CA ARG A 202 0.39 -50.59 -15.77
C ARG A 202 -0.75 -49.98 -16.56
N SER A 203 -0.47 -49.48 -17.76
CA SER A 203 -1.52 -48.92 -18.60
C SER A 203 -1.27 -49.26 -20.06
N GLN A 204 -2.33 -49.26 -20.86
CA GLN A 204 -2.21 -49.48 -22.29
C GLN A 204 -3.40 -48.86 -23.02
N GLN A 205 -3.12 -48.36 -24.22
CA GLN A 205 -4.13 -47.80 -25.09
C GLN A 205 -3.86 -48.33 -26.48
N THR A 206 -4.85 -48.97 -27.09
CA THR A 206 -4.72 -49.39 -28.50
C THR A 206 -5.82 -48.71 -29.30
N ILE A 207 -5.41 -48.08 -30.39
CA ILE A 207 -6.30 -47.37 -31.28
C ILE A 207 -6.18 -47.98 -32.68
N ILE A 208 -7.33 -48.31 -33.27
CA ILE A 208 -7.36 -48.81 -34.63
C ILE A 208 -7.88 -47.68 -35.50
N PRO A 209 -7.11 -47.28 -36.52
CA PRO A 209 -7.63 -46.20 -37.35
C PRO A 209 -8.91 -46.62 -38.07
N ASN A 210 -9.73 -45.64 -38.41
CA ASN A 210 -10.98 -45.87 -39.12
C ASN A 210 -10.96 -45.08 -40.45
N ILE A 211 -10.95 -45.79 -41.57
CA ILE A 211 -10.84 -45.13 -42.88
C ILE A 211 -12.19 -44.58 -43.33
N GLY A 212 -12.18 -43.37 -43.88
CA GLY A 212 -13.40 -42.81 -44.46
C GLY A 212 -13.37 -41.29 -44.44
N SER A 213 -14.27 -40.63 -45.18
CA SER A 213 -14.29 -39.16 -45.19
C SER A 213 -14.94 -38.50 -44.00
N ARG A 214 -14.31 -37.42 -43.55
CA ARG A 214 -14.90 -36.46 -42.66
C ARG A 214 -15.05 -35.17 -43.47
N PRO A 215 -15.69 -34.15 -42.89
CA PRO A 215 -15.80 -32.92 -43.69
C PRO A 215 -14.45 -32.33 -44.09
N TRP A 216 -14.41 -31.87 -45.33
CA TRP A 216 -13.26 -31.21 -45.90
C TRP A 216 -12.82 -30.05 -45.01
N VAL A 217 -11.59 -30.09 -44.51
CA VAL A 217 -11.02 -28.97 -43.74
C VAL A 217 -9.62 -28.69 -44.25
N ARG A 218 -9.36 -27.45 -44.68
CA ARG A 218 -8.08 -27.08 -45.27
C ARG A 218 -7.61 -28.13 -46.26
N GLY A 219 -8.51 -28.50 -47.17
CA GLY A 219 -8.19 -29.39 -48.26
C GLY A 219 -8.24 -30.87 -47.96
N LEU A 220 -8.54 -31.25 -46.71
CA LEU A 220 -8.38 -32.64 -46.28
C LEU A 220 -9.65 -33.24 -45.68
N SER A 221 -9.95 -34.47 -46.07
N SER A 221 -9.95 -34.48 -46.05
CA SER A 221 -11.10 -35.19 -45.54
CA SER A 221 -11.08 -35.19 -45.47
C SER A 221 -10.66 -36.26 -44.56
C SER A 221 -10.60 -36.14 -44.37
N SER A 222 -9.35 -36.32 -44.31
N SER A 222 -9.29 -36.40 -44.34
CA SER A 222 -8.77 -37.21 -43.31
CA SER A 222 -8.71 -37.25 -43.31
C SER A 222 -8.59 -36.48 -41.98
C SER A 222 -8.57 -36.49 -41.99
N ARG A 223 -8.22 -37.22 -40.93
CA ARG A 223 -8.09 -36.65 -39.59
C ARG A 223 -6.99 -37.34 -38.81
N ILE A 224 -6.50 -36.64 -37.80
CA ILE A 224 -5.63 -37.23 -36.80
C ILE A 224 -6.37 -37.17 -35.46
N SER A 225 -6.34 -38.26 -34.70
CA SER A 225 -6.84 -38.27 -33.32
C SER A 225 -5.67 -38.28 -32.37
N ILE A 226 -5.75 -37.42 -31.36
CA ILE A 226 -4.68 -37.19 -30.41
C ILE A 226 -4.95 -37.90 -29.09
N TYR A 227 -3.92 -38.57 -28.59
CA TYR A 227 -3.96 -39.28 -27.32
C TYR A 227 -2.78 -38.86 -26.46
N TRP A 228 -2.82 -39.20 -25.19
N TRP A 228 -2.85 -39.19 -25.17
CA TRP A 228 -1.70 -38.87 -24.33
CA TRP A 228 -1.78 -38.86 -24.26
C TRP A 228 -1.47 -39.96 -23.31
C TRP A 228 -1.46 -40.02 -23.34
N THR A 229 -0.24 -40.02 -22.82
CA THR A 229 0.19 -41.04 -21.88
C THR A 229 1.17 -40.39 -20.91
N ILE A 230 0.96 -40.59 -19.63
CA ILE A 230 1.89 -40.12 -18.62
C ILE A 230 2.76 -41.26 -18.12
N VAL A 231 4.05 -41.00 -17.99
CA VAL A 231 4.99 -42.04 -17.59
C VAL A 231 5.68 -41.56 -16.33
N LYS A 232 5.54 -42.32 -15.25
CA LYS A 232 6.16 -41.94 -13.99
C LYS A 232 7.60 -42.37 -13.88
N PRO A 233 8.33 -41.77 -12.93
CA PRO A 233 9.72 -42.18 -12.70
C PRO A 233 9.82 -43.68 -12.49
N GLY A 234 10.79 -44.31 -13.13
CA GLY A 234 10.97 -45.74 -13.00
C GLY A 234 10.08 -46.56 -13.91
N ASP A 235 9.10 -45.93 -14.55
CA ASP A 235 8.28 -46.62 -15.52
C ASP A 235 8.90 -46.41 -16.89
N VAL A 236 8.22 -46.88 -17.93
CA VAL A 236 8.79 -46.90 -19.25
C VAL A 236 7.66 -46.81 -20.27
N LEU A 237 7.94 -46.18 -21.41
CA LEU A 237 6.98 -46.08 -22.48
C LEU A 237 7.37 -47.10 -23.56
N VAL A 238 6.38 -47.83 -24.07
CA VAL A 238 6.55 -48.65 -25.27
C VAL A 238 5.50 -48.24 -26.29
N ILE A 239 5.97 -48.06 -27.51
CA ILE A 239 5.15 -47.70 -28.63
C ILE A 239 5.34 -48.83 -29.66
N ASN A 240 4.23 -49.41 -30.08
CA ASN A 240 4.25 -50.52 -31.00
C ASN A 240 3.20 -50.23 -32.07
N SER A 241 3.60 -50.12 -33.32
CA SER A 241 2.65 -49.81 -34.39
C SER A 241 3.03 -50.44 -35.73
N ASN A 242 2.06 -50.87 -36.51
CA ASN A 242 2.32 -51.31 -37.89
C ASN A 242 1.60 -50.42 -38.89
N GLY A 243 1.43 -49.15 -38.51
CA GLY A 243 0.92 -48.15 -39.42
C GLY A 243 0.11 -47.09 -38.71
N ASN A 244 0.06 -45.90 -39.31
CA ASN A 244 -0.85 -44.84 -38.85
C ASN A 244 -0.43 -44.09 -37.57
N LEU A 245 0.77 -44.39 -37.06
CA LEU A 245 1.29 -43.71 -35.88
C LEU A 245 1.76 -42.26 -36.20
N ILE A 246 1.25 -41.29 -35.45
CA ILE A 246 1.78 -39.95 -35.44
C ILE A 246 2.62 -39.91 -34.16
N ALA A 247 3.93 -39.98 -34.32
CA ALA A 247 4.82 -40.24 -33.20
C ALA A 247 5.12 -39.00 -32.39
N PRO A 248 5.38 -39.18 -31.09
CA PRO A 248 5.91 -38.11 -30.27
C PRO A 248 7.37 -37.83 -30.62
N ARG A 249 7.82 -36.61 -30.36
CA ARG A 249 9.23 -36.27 -30.55
C ARG A 249 9.97 -36.21 -29.23
N GLY A 250 9.24 -36.38 -28.12
CA GLY A 250 9.79 -36.17 -26.79
C GLY A 250 8.62 -36.00 -25.83
N TYR A 251 8.83 -35.38 -24.68
CA TYR A 251 7.78 -35.29 -23.65
C TYR A 251 7.70 -33.89 -23.07
N PHE A 252 6.54 -33.57 -22.50
CA PHE A 252 6.34 -32.35 -21.75
C PHE A 252 6.61 -32.65 -20.30
N LYS A 253 7.36 -31.77 -19.65
CA LYS A 253 7.63 -31.95 -18.24
C LYS A 253 6.37 -31.55 -17.46
N MET A 254 5.88 -32.44 -16.61
N MET A 254 5.91 -32.40 -16.57
CA MET A 254 4.71 -32.14 -15.79
CA MET A 254 4.71 -32.12 -15.80
C MET A 254 5.13 -31.42 -14.51
C MET A 254 5.00 -31.54 -14.43
N ARG A 255 4.33 -30.43 -14.11
CA ARG A 255 4.53 -29.74 -12.84
C ARG A 255 3.21 -29.74 -12.06
N THR A 256 3.29 -29.49 -10.75
CA THR A 256 2.08 -29.23 -9.96
C THR A 256 2.21 -27.82 -9.41
N GLY A 257 1.09 -27.16 -9.16
CA GLY A 257 1.14 -25.80 -8.66
C GLY A 257 -0.18 -25.08 -8.89
N LYS A 258 -0.14 -23.77 -9.01
CA LYS A 258 -1.34 -22.96 -8.99
C LYS A 258 -1.86 -22.58 -10.37
N SER A 259 -1.34 -23.17 -11.46
CA SER A 259 -1.71 -22.72 -12.80
C SER A 259 -3.10 -23.13 -13.21
N SER A 260 -3.71 -22.32 -14.07
CA SER A 260 -5.01 -22.64 -14.62
C SER A 260 -5.18 -21.98 -15.96
N ILE A 261 -6.40 -22.02 -16.47
CA ILE A 261 -6.72 -21.47 -17.78
C ILE A 261 -8.08 -20.81 -17.69
N MET A 262 -8.32 -19.77 -18.51
CA MET A 262 -9.58 -19.05 -18.48
C MET A 262 -9.92 -18.59 -19.89
N ARG A 263 -11.20 -18.60 -20.25
CA ARG A 263 -11.63 -18.02 -21.52
C ARG A 263 -12.08 -16.57 -21.27
N SER A 264 -11.51 -15.63 -21.98
CA SER A 264 -11.86 -14.23 -21.78
C SER A 264 -11.45 -13.45 -23.01
N ASP A 265 -12.21 -12.41 -23.34
CA ASP A 265 -11.77 -11.46 -24.34
C ASP A 265 -11.34 -10.12 -23.71
N ALA A 266 -11.19 -10.07 -22.40
CA ALA A 266 -10.78 -8.83 -21.72
C ALA A 266 -9.35 -8.46 -22.06
N PRO A 267 -9.08 -7.17 -22.33
CA PRO A 267 -7.68 -6.80 -22.54
C PRO A 267 -6.88 -6.97 -21.27
N ILE A 268 -5.56 -7.11 -21.43
N ILE A 268 -5.60 -7.29 -21.44
CA ILE A 268 -4.63 -7.27 -20.31
CA ILE A 268 -4.68 -7.33 -20.34
C ILE A 268 -3.82 -5.99 -20.05
C ILE A 268 -4.25 -5.89 -20.15
N ASP A 269 -4.05 -5.38 -18.89
N ASP A 269 -3.74 -5.58 -18.96
CA ASP A 269 -3.49 -4.09 -18.50
CA ASP A 269 -3.18 -4.27 -18.73
C ASP A 269 -2.31 -4.26 -17.54
C ASP A 269 -2.20 -4.32 -17.59
N THR A 270 -1.51 -3.20 -17.40
CA THR A 270 -0.42 -3.15 -16.43
C THR A 270 -0.98 -2.51 -15.17
N CYS A 271 -1.20 -3.35 -14.18
CA CYS A 271 -1.87 -2.96 -12.95
C CYS A 271 -1.77 -4.18 -12.05
N ILE A 272 -2.23 -4.08 -10.79
CA ILE A 272 -2.02 -5.17 -9.86
C ILE A 272 -3.38 -5.59 -9.30
N SER A 273 -3.71 -6.87 -9.40
CA SER A 273 -4.93 -7.38 -8.73
C SER A 273 -4.81 -8.88 -8.49
N GLU A 274 -5.12 -9.34 -7.28
CA GLU A 274 -5.05 -10.75 -6.94
C GLU A 274 -6.15 -11.56 -7.60
N CYS A 275 -7.30 -10.92 -7.86
CA CYS A 275 -8.49 -11.66 -8.35
C CYS A 275 -8.78 -11.33 -9.81
N ILE A 276 -8.90 -12.37 -10.63
CA ILE A 276 -9.14 -12.27 -12.07
C ILE A 276 -10.45 -12.97 -12.41
N THR A 277 -11.32 -12.30 -13.18
CA THR A 277 -12.54 -12.92 -13.70
C THR A 277 -12.50 -12.75 -15.22
N PRO A 278 -13.34 -13.46 -15.97
CA PRO A 278 -13.31 -13.24 -17.42
C PRO A 278 -13.69 -11.81 -17.81
N ASN A 279 -14.41 -11.11 -16.95
CA ASN A 279 -14.80 -9.70 -17.18
C ASN A 279 -13.66 -8.73 -16.96
N GLY A 280 -12.59 -9.21 -16.35
CA GLY A 280 -11.53 -8.35 -15.86
C GLY A 280 -11.22 -8.64 -14.41
N SER A 281 -10.14 -8.05 -13.93
CA SER A 281 -9.81 -8.16 -12.53
C SER A 281 -10.84 -7.42 -11.69
N ILE A 282 -10.99 -7.87 -10.46
CA ILE A 282 -11.81 -7.16 -9.49
C ILE A 282 -11.08 -7.07 -8.17
N PRO A 283 -11.35 -6.01 -7.41
CA PRO A 283 -10.87 -5.85 -6.03
C PRO A 283 -11.33 -7.01 -5.15
N ASN A 284 -10.55 -7.36 -4.14
CA ASN A 284 -10.95 -8.44 -3.26
C ASN A 284 -11.08 -7.99 -1.81
N ASP A 285 -11.35 -6.71 -1.60
CA ASP A 285 -11.62 -6.21 -0.23
C ASP A 285 -12.98 -6.67 0.31
N LYS A 286 -13.96 -6.89 -0.57
CA LYS A 286 -15.25 -7.38 -0.09
C LYS A 286 -15.31 -8.90 -0.08
N PRO A 287 -16.12 -9.49 0.81
CA PRO A 287 -16.19 -10.94 0.98
C PRO A 287 -16.96 -11.65 -0.14
N PHE A 288 -17.83 -10.91 -0.84
CA PHE A 288 -18.64 -11.49 -1.90
C PHE A 288 -18.54 -10.68 -3.18
N GLN A 289 -18.93 -11.31 -4.27
CA GLN A 289 -18.95 -10.65 -5.56
C GLN A 289 -20.05 -11.22 -6.45
N ASN A 290 -20.55 -10.40 -7.37
CA ASN A 290 -21.59 -10.82 -8.31
C ASN A 290 -21.13 -10.57 -9.77
N VAL A 291 -19.82 -10.54 -9.98
CA VAL A 291 -19.29 -10.24 -11.33
C VAL A 291 -19.31 -11.49 -12.21
N ASN A 292 -18.74 -12.59 -11.71
CA ASN A 292 -18.68 -13.82 -12.47
C ASN A 292 -18.39 -15.00 -11.54
N LYS A 293 -19.07 -16.12 -11.75
CA LYS A 293 -18.78 -17.32 -11.00
C LYS A 293 -17.42 -17.90 -11.37
N ILE A 294 -16.90 -17.54 -12.54
CA ILE A 294 -15.54 -17.95 -12.92
C ILE A 294 -14.52 -16.96 -12.36
N THR A 295 -13.62 -17.45 -11.52
CA THR A 295 -12.55 -16.61 -10.96
C THR A 295 -11.25 -17.37 -10.81
N TYR A 296 -10.16 -16.61 -10.65
CA TYR A 296 -8.85 -17.18 -10.45
C TYR A 296 -8.17 -16.26 -9.44
N GLY A 297 -7.62 -16.86 -8.38
CA GLY A 297 -6.83 -16.13 -7.40
C GLY A 297 -7.55 -15.93 -6.08
N ALA A 298 -7.11 -14.94 -5.32
CA ALA A 298 -7.73 -14.62 -4.03
C ALA A 298 -8.98 -13.74 -4.26
N CYS A 299 -10.15 -14.36 -4.29
CA CYS A 299 -11.33 -13.75 -4.83
C CYS A 299 -12.47 -13.77 -3.82
N PRO A 300 -13.31 -12.73 -3.83
CA PRO A 300 -14.55 -12.84 -3.06
C PRO A 300 -15.38 -14.02 -3.60
N LYS A 301 -16.29 -14.53 -2.78
CA LYS A 301 -17.16 -15.64 -3.16
C LYS A 301 -18.31 -15.15 -4.02
N TYR A 302 -18.61 -15.91 -5.05
CA TYR A 302 -19.68 -15.50 -5.96
C TYR A 302 -21.03 -15.71 -5.30
N VAL A 303 -21.87 -14.68 -5.35
CA VAL A 303 -23.23 -14.78 -4.87
C VAL A 303 -24.21 -14.18 -5.88
N LYS A 304 -25.48 -14.48 -5.70
CA LYS A 304 -26.50 -14.03 -6.63
C LYS A 304 -26.90 -12.58 -6.43
N GLN A 305 -26.78 -12.10 -5.20
CA GLN A 305 -27.24 -10.75 -4.87
C GLN A 305 -26.35 -9.72 -5.52
N ASN A 306 -26.89 -8.59 -5.97
CA ASN A 306 -26.02 -7.57 -6.55
C ASN A 306 -25.61 -6.53 -5.52
N THR A 307 -26.24 -6.57 -4.36
CA THR A 307 -25.86 -5.69 -3.27
C THR A 307 -26.25 -6.33 -1.94
N LEU A 308 -25.37 -6.17 -0.97
CA LEU A 308 -25.67 -6.53 0.42
C LEU A 308 -24.98 -5.52 1.36
N LYS A 309 -25.78 -4.80 2.14
CA LYS A 309 -25.23 -3.72 2.96
C LYS A 309 -25.05 -4.17 4.41
N LEU A 310 -23.85 -4.00 4.94
CA LEU A 310 -23.54 -4.21 6.33
C LEU A 310 -23.65 -2.90 7.10
N ALA A 311 -24.59 -2.81 8.04
CA ALA A 311 -24.72 -1.60 8.84
C ALA A 311 -23.41 -1.28 9.55
N THR A 312 -23.02 -0.01 9.57
CA THR A 312 -21.83 0.41 10.31
C THR A 312 -22.19 1.62 11.21
N GLY A 313 -23.46 1.73 11.60
CA GLY A 313 -23.90 2.81 12.44
C GLY A 313 -25.21 2.39 13.06
N MET A 314 -25.69 3.19 13.97
CA MET A 314 -26.95 2.90 14.68
C MET A 314 -28.14 3.24 13.77
N ARG A 315 -29.33 2.88 14.24
N ARG A 315 -29.33 2.89 14.24
CA ARG A 315 -30.58 3.31 13.63
CA ARG A 315 -30.56 3.34 13.62
C ARG A 315 -30.57 4.81 13.45
C ARG A 315 -30.55 4.84 13.45
N ASN A 316 -30.98 5.29 12.27
CA ASN A 316 -31.06 6.72 11.99
C ASN A 316 -32.47 7.18 12.25
N VAL A 317 -32.63 7.97 13.31
CA VAL A 317 -33.94 8.38 13.80
C VAL A 317 -33.98 9.90 13.92
N PRO A 318 -33.96 10.60 12.79
CA PRO A 318 -33.93 12.06 12.94
C PRO A 318 -35.24 12.62 13.45
N GLU A 319 -36.35 11.94 13.19
CA GLU A 319 -37.65 12.43 13.60
C GLU A 319 -38.32 11.40 14.51
N LYS A 320 -39.23 11.86 15.35
CA LYS A 320 -39.92 10.99 16.32
C LYS A 320 -40.13 9.56 15.79
N GLY B 1 -35.31 -1.40 19.06
CA GLY B 1 -34.18 -2.31 19.50
C GLY B 1 -34.52 -2.94 20.83
N LEU B 2 -33.69 -3.89 21.27
CA LEU B 2 -34.02 -4.65 22.47
C LEU B 2 -34.06 -3.82 23.76
N PHE B 3 -33.31 -2.73 23.79
CA PHE B 3 -33.13 -1.95 25.02
C PHE B 3 -34.10 -0.79 25.16
N GLY B 4 -34.71 -0.38 24.06
CA GLY B 4 -35.78 0.59 24.14
C GLY B 4 -35.31 2.02 24.35
N ALA B 5 -34.03 2.30 24.08
CA ALA B 5 -33.51 3.65 24.21
C ALA B 5 -33.58 4.41 22.89
N ILE B 6 -32.79 3.94 21.91
CA ILE B 6 -32.79 4.56 20.60
C ILE B 6 -34.12 4.21 19.94
N ALA B 7 -34.80 5.21 19.39
CA ALA B 7 -36.15 5.04 18.85
C ALA B 7 -37.09 4.53 19.94
N GLY B 8 -36.83 4.95 21.18
CA GLY B 8 -37.61 4.51 22.34
C GLY B 8 -37.78 5.64 23.33
N PHE B 9 -37.28 5.49 24.55
CA PHE B 9 -37.42 6.58 25.51
C PHE B 9 -36.64 7.82 25.11
N ILE B 10 -35.60 7.64 24.30
N ILE B 10 -35.57 7.61 24.33
CA ILE B 10 -34.99 8.76 23.62
CA ILE B 10 -34.96 8.71 23.58
C ILE B 10 -35.71 8.90 22.29
C ILE B 10 -35.81 8.84 22.32
N GLU B 11 -36.53 9.95 22.19
CA GLU B 11 -37.51 10.06 21.13
C GLU B 11 -36.92 10.15 19.74
N ASN B 12 -35.77 10.79 19.62
CA ASN B 12 -35.09 10.88 18.34
C ASN B 12 -33.63 11.20 18.54
N GLY B 13 -32.87 11.06 17.46
CA GLY B 13 -31.48 11.43 17.44
C GLY B 13 -31.33 12.92 17.18
N TRP B 14 -30.09 13.38 17.35
CA TRP B 14 -29.73 14.77 17.22
C TRP B 14 -28.87 14.97 15.98
N GLU B 15 -29.42 15.56 14.94
CA GLU B 15 -28.63 15.90 13.77
C GLU B 15 -27.52 16.90 14.12
N GLY B 16 -27.69 17.66 15.22
CA GLY B 16 -26.73 18.67 15.61
C GLY B 16 -25.55 18.10 16.41
N MET B 17 -25.62 16.82 16.75
N MET B 17 -25.60 16.81 16.69
CA MET B 17 -24.47 16.19 17.38
CA MET B 17 -24.52 16.12 17.38
C MET B 17 -23.62 15.70 16.24
C MET B 17 -23.53 15.61 16.34
N ILE B 18 -22.61 16.47 15.94
CA ILE B 18 -21.76 16.18 14.80
C ILE B 18 -20.33 15.78 15.18
N ASP B 19 -20.02 15.68 16.48
CA ASP B 19 -18.67 15.28 16.90
C ASP B 19 -18.64 14.04 17.82
N GLY B 20 -19.67 13.22 17.76
CA GLY B 20 -19.73 12.02 18.56
C GLY B 20 -21.00 11.27 18.19
N TRP B 21 -21.12 10.05 18.67
CA TRP B 21 -22.28 9.24 18.40
C TRP B 21 -23.30 9.37 19.53
N TYR B 22 -22.80 9.55 20.75
CA TYR B 22 -23.65 9.66 21.96
C TYR B 22 -23.15 10.89 22.71
N GLY B 23 -24.03 11.52 23.49
CA GLY B 23 -23.60 12.67 24.26
C GLY B 23 -24.67 13.28 25.14
N PHE B 24 -24.41 14.52 25.54
CA PHE B 24 -25.17 15.19 26.57
C PHE B 24 -25.58 16.55 26.05
N ARG B 25 -26.78 16.97 26.39
CA ARG B 25 -27.17 18.36 26.25
C ARG B 25 -27.64 18.83 27.62
N HIS B 26 -27.35 20.08 27.98
CA HIS B 26 -27.71 20.52 29.29
C HIS B 26 -28.28 21.92 29.22
N GLN B 27 -29.03 22.22 30.26
CA GLN B 27 -29.42 23.58 30.54
C GLN B 27 -29.17 23.85 32.03
N ASN B 28 -28.48 24.94 32.32
CA ASN B 28 -28.25 25.34 33.70
C ASN B 28 -28.26 26.86 33.81
N SER B 29 -27.78 27.37 34.93
CA SER B 29 -27.81 28.81 35.14
C SER B 29 -26.88 29.58 34.20
N GLU B 30 -25.95 28.90 33.55
CA GLU B 30 -24.99 29.55 32.66
C GLU B 30 -25.36 29.38 31.18
N GLY B 31 -26.50 28.74 30.92
CA GLY B 31 -27.00 28.62 29.56
C GLY B 31 -27.21 27.16 29.16
N THR B 32 -26.94 26.85 27.90
CA THR B 32 -27.15 25.49 27.40
C THR B 32 -25.91 25.07 26.67
N GLY B 33 -25.78 23.78 26.46
CA GLY B 33 -24.65 23.29 25.71
C GLY B 33 -24.82 21.84 25.33
N GLN B 34 -23.83 21.36 24.58
CA GLN B 34 -23.82 19.99 24.11
C GLN B 34 -22.38 19.50 24.13
N ALA B 35 -22.19 18.22 24.45
CA ALA B 35 -20.87 17.59 24.39
C ALA B 35 -21.01 16.13 24.05
N ALA B 36 -20.16 15.67 23.13
CA ALA B 36 -20.07 14.25 22.82
C ALA B 36 -19.52 13.49 24.03
N ASP B 37 -19.99 12.27 24.24
CA ASP B 37 -19.37 11.34 25.19
C ASP B 37 -18.41 10.45 24.42
N LEU B 38 -17.11 10.57 24.73
N LEU B 38 -17.11 10.57 24.73
CA LEU B 38 -16.09 9.89 23.93
CA LEU B 38 -16.09 9.90 23.93
C LEU B 38 -16.08 8.38 24.17
C LEU B 38 -16.05 8.39 24.17
N LYS B 39 -16.21 7.96 25.42
CA LYS B 39 -16.11 6.54 25.77
C LYS B 39 -17.20 5.66 25.15
N SER B 40 -18.45 6.11 25.23
N SER B 40 -18.45 6.10 25.21
CA SER B 40 -19.56 5.38 24.62
CA SER B 40 -19.52 5.33 24.60
C SER B 40 -19.44 5.36 23.10
C SER B 40 -19.43 5.35 23.09
N THR B 41 -19.08 6.51 22.55
CA THR B 41 -18.91 6.64 21.10
C THR B 41 -17.84 5.64 20.63
N GLN B 42 -16.73 5.57 21.34
CA GLN B 42 -15.60 4.74 20.93
C GLN B 42 -15.93 3.26 21.18
N ALA B 43 -16.74 2.95 22.18
CA ALA B 43 -17.10 1.58 22.44
C ALA B 43 -17.94 1.04 21.27
N ALA B 44 -18.89 1.85 20.79
CA ALA B 44 -19.70 1.44 19.66
C ALA B 44 -18.84 1.33 18.38
N ILE B 45 -18.02 2.33 18.15
CA ILE B 45 -17.18 2.34 16.97
C ILE B 45 -16.24 1.15 16.99
N ASP B 46 -15.71 0.80 18.15
CA ASP B 46 -14.72 -0.27 18.23
C ASP B 46 -15.41 -1.61 17.98
N GLN B 47 -16.62 -1.78 18.49
CA GLN B 47 -17.36 -3.02 18.24
C GLN B 47 -17.72 -3.18 16.76
N ILE B 48 -18.13 -2.09 16.14
N ILE B 48 -18.10 -2.08 16.13
CA ILE B 48 -18.50 -2.12 14.73
CA ILE B 48 -18.50 -2.10 14.72
C ILE B 48 -17.28 -2.37 13.85
C ILE B 48 -17.30 -2.33 13.81
N ASN B 49 -16.15 -1.79 14.18
CA ASN B 49 -14.94 -2.00 13.42
C ASN B 49 -14.48 -3.44 13.62
N GLY B 50 -14.71 -3.96 14.82
CA GLY B 50 -14.37 -5.34 15.13
C GLY B 50 -15.16 -6.29 14.23
N LYS B 51 -16.47 -6.08 14.12
N LYS B 51 -16.46 -6.04 14.12
CA LYS B 51 -17.25 -7.03 13.32
CA LYS B 51 -17.34 -6.90 13.32
C LYS B 51 -17.01 -6.84 11.83
C LYS B 51 -16.90 -6.84 11.89
N LEU B 52 -16.70 -5.62 11.42
CA LEU B 52 -16.38 -5.36 10.02
C LEU B 52 -15.10 -6.06 9.64
N ASN B 53 -14.11 -5.97 10.51
CA ASN B 53 -12.82 -6.58 10.20
C ASN B 53 -12.93 -8.09 10.22
N ARG B 54 -13.81 -8.66 11.04
CA ARG B 54 -14.01 -10.14 10.96
C ARG B 54 -14.66 -10.57 9.64
N VAL B 55 -15.59 -9.75 9.18
CA VAL B 55 -16.31 -10.06 7.94
C VAL B 55 -15.45 -9.85 6.70
N ILE B 56 -14.57 -8.86 6.67
CA ILE B 56 -13.88 -8.58 5.41
C ILE B 56 -12.49 -9.20 5.36
N GLU B 57 -12.17 -9.96 6.41
CA GLU B 57 -10.94 -10.72 6.53
C GLU B 57 -10.87 -11.88 5.51
N LYS B 58 -9.67 -12.11 4.97
CA LYS B 58 -9.34 -13.39 4.32
C LYS B 58 -10.32 -13.88 3.27
N THR B 59 -10.32 -13.34 2.07
CA THR B 59 -10.95 -14.09 0.99
C THR B 59 -10.13 -15.39 0.81
N ASN B 60 -10.83 -16.43 0.36
CA ASN B 60 -10.21 -17.66 -0.08
C ASN B 60 -9.40 -17.48 -1.37
N GLU B 61 -8.32 -18.23 -1.51
CA GLU B 61 -7.55 -18.23 -2.74
C GLU B 61 -7.78 -19.57 -3.45
N LYS B 62 -8.30 -19.54 -4.67
CA LYS B 62 -8.51 -20.75 -5.45
C LYS B 62 -7.83 -20.61 -6.83
N PHE B 63 -7.38 -21.71 -7.37
CA PHE B 63 -6.63 -21.68 -8.61
C PHE B 63 -7.37 -22.49 -9.68
N HIS B 64 -6.85 -23.66 -10.05
CA HIS B 64 -7.55 -24.48 -11.03
C HIS B 64 -8.77 -25.15 -10.38
N GLN B 65 -9.92 -24.98 -11.02
CA GLN B 65 -11.19 -25.45 -10.53
C GLN B 65 -11.87 -26.27 -11.62
N ILE B 66 -13.18 -26.14 -11.75
CA ILE B 66 -13.90 -26.82 -12.82
C ILE B 66 -14.40 -25.75 -13.77
N GLU B 67 -14.71 -26.20 -14.99
CA GLU B 67 -15.35 -25.34 -15.97
C GLU B 67 -16.79 -25.07 -15.55
N LYS B 68 -17.27 -23.88 -15.90
CA LYS B 68 -18.58 -23.40 -15.48
C LYS B 68 -19.44 -22.87 -16.65
N GLU B 69 -18.84 -22.73 -17.84
CA GLU B 69 -19.59 -22.45 -19.06
C GLU B 69 -19.19 -23.47 -20.09
N PHE B 70 -20.11 -23.82 -20.99
CA PHE B 70 -19.94 -24.92 -21.95
C PHE B 70 -20.47 -24.54 -23.32
N SER B 71 -19.75 -24.91 -24.36
CA SER B 71 -20.14 -24.51 -25.70
C SER B 71 -20.88 -25.64 -26.44
N GLU B 72 -20.91 -26.84 -25.88
CA GLU B 72 -21.60 -27.97 -26.51
C GLU B 72 -22.47 -28.69 -25.47
N VAL B 73 -23.61 -29.21 -25.92
CA VAL B 73 -24.41 -30.12 -25.11
C VAL B 73 -23.64 -31.44 -24.92
N GLU B 74 -23.58 -31.93 -23.69
CA GLU B 74 -22.88 -33.17 -23.39
C GLU B 74 -23.65 -34.14 -22.50
N GLY B 75 -24.66 -33.68 -21.77
CA GLY B 75 -25.42 -34.60 -20.93
C GLY B 75 -24.83 -34.77 -19.52
N ARG B 76 -24.68 -36.03 -19.10
CA ARG B 76 -24.53 -36.38 -17.66
C ARG B 76 -23.41 -35.67 -16.88
N ILE B 77 -22.22 -35.63 -17.44
N ILE B 77 -22.21 -35.62 -17.44
CA ILE B 77 -21.08 -35.02 -16.73
CA ILE B 77 -21.10 -35.02 -16.72
C ILE B 77 -21.23 -33.50 -16.63
C ILE B 77 -21.24 -33.50 -16.62
N GLN B 78 -21.67 -32.87 -17.71
CA GLN B 78 -21.96 -31.44 -17.68
C GLN B 78 -23.11 -31.12 -16.76
N ASP B 79 -24.15 -31.97 -16.77
CA ASP B 79 -25.29 -31.76 -15.83
C ASP B 79 -24.74 -31.66 -14.39
N LEU B 80 -23.89 -32.61 -14.05
CA LEU B 80 -23.31 -32.65 -12.70
C LEU B 80 -22.40 -31.43 -12.39
N GLU B 81 -21.54 -31.04 -13.34
CA GLU B 81 -20.70 -29.87 -13.15
C GLU B 81 -21.54 -28.62 -12.89
N LYS B 82 -22.64 -28.47 -13.62
CA LYS B 82 -23.46 -27.27 -13.49
C LYS B 82 -24.26 -27.33 -12.17
N TYR B 83 -24.67 -28.52 -11.79
CA TYR B 83 -25.43 -28.68 -10.54
C TYR B 83 -24.56 -28.42 -9.31
N VAL B 84 -23.32 -28.86 -9.37
CA VAL B 84 -22.37 -28.67 -8.28
C VAL B 84 -22.17 -27.16 -8.10
N GLU B 85 -21.96 -26.45 -9.21
CA GLU B 85 -21.77 -25.00 -9.11
C GLU B 85 -23.02 -24.24 -8.67
N ASP B 86 -24.17 -24.59 -9.19
CA ASP B 86 -25.43 -23.94 -8.84
C ASP B 86 -25.73 -24.15 -7.36
N THR B 87 -25.43 -25.35 -6.89
CA THR B 87 -25.64 -25.74 -5.50
C THR B 87 -24.73 -24.88 -4.59
N LYS B 88 -23.47 -24.77 -4.97
CA LYS B 88 -22.49 -23.98 -4.25
C LYS B 88 -22.93 -22.51 -4.19
N ILE B 89 -23.36 -21.96 -5.31
CA ILE B 89 -23.70 -20.54 -5.37
C ILE B 89 -24.91 -20.28 -4.49
N ASP B 90 -25.88 -21.18 -4.52
CA ASP B 90 -27.10 -20.99 -3.72
C ASP B 90 -26.77 -21.06 -2.21
N LEU B 91 -25.89 -21.97 -1.82
CA LEU B 91 -25.44 -22.03 -0.44
C LEU B 91 -24.69 -20.77 0.02
N TRP B 92 -23.75 -20.27 -0.78
CA TRP B 92 -23.03 -19.04 -0.41
C TRP B 92 -23.95 -17.82 -0.42
N SER B 93 -24.92 -17.79 -1.32
CA SER B 93 -25.85 -16.65 -1.40
C SER B 93 -26.71 -16.64 -0.12
N TYR B 94 -27.10 -17.83 0.31
CA TYR B 94 -27.84 -17.97 1.59
C TYR B 94 -26.94 -17.52 2.76
N ASN B 95 -25.68 -17.95 2.78
CA ASN B 95 -24.78 -17.55 3.87
C ASN B 95 -24.64 -16.01 3.91
N ALA B 96 -24.56 -15.40 2.75
CA ALA B 96 -24.35 -13.96 2.66
C ALA B 96 -25.61 -13.23 3.18
N GLU B 97 -26.78 -13.68 2.76
CA GLU B 97 -28.04 -13.08 3.19
C GLU B 97 -28.21 -13.14 4.71
N LEU B 98 -27.95 -14.33 5.26
CA LEU B 98 -28.12 -14.56 6.68
C LEU B 98 -27.10 -13.78 7.49
N LEU B 99 -25.87 -13.72 7.00
CA LEU B 99 -24.79 -13.05 7.70
C LEU B 99 -25.14 -11.57 7.88
N VAL B 100 -25.55 -10.90 6.80
CA VAL B 100 -25.86 -9.47 6.98
C VAL B 100 -27.11 -9.24 7.82
N ALA B 101 -28.12 -10.10 7.69
CA ALA B 101 -29.30 -9.97 8.56
C ALA B 101 -28.95 -10.05 10.05
N LEU B 102 -28.13 -11.04 10.43
CA LEU B 102 -27.77 -11.28 11.82
C LEU B 102 -26.86 -10.17 12.34
N GLU B 103 -25.89 -9.79 11.52
CA GLU B 103 -24.95 -8.73 11.89
C GLU B 103 -25.69 -7.42 12.10
N ASN B 104 -26.62 -7.11 11.19
CA ASN B 104 -27.32 -5.83 11.21
C ASN B 104 -28.29 -5.76 12.41
N GLN B 105 -28.97 -6.86 12.69
CA GLN B 105 -29.85 -6.92 13.86
C GLN B 105 -29.01 -6.62 15.11
N HIS B 106 -27.85 -7.25 15.17
CA HIS B 106 -26.96 -7.11 16.29
C HIS B 106 -26.32 -5.71 16.41
N THR B 107 -26.01 -5.07 15.28
CA THR B 107 -25.45 -3.72 15.30
C THR B 107 -26.47 -2.73 15.82
N ILE B 108 -27.72 -2.91 15.42
CA ILE B 108 -28.77 -2.05 15.93
C ILE B 108 -28.94 -2.25 17.45
N ASP B 109 -28.93 -3.51 17.88
CA ASP B 109 -29.07 -3.78 19.30
C ASP B 109 -27.86 -3.34 20.13
N LEU B 110 -26.65 -3.43 19.59
CA LEU B 110 -25.48 -3.06 20.40
C LEU B 110 -25.39 -1.54 20.51
N THR B 111 -25.79 -0.84 19.46
CA THR B 111 -25.80 0.63 19.56
C THR B 111 -26.89 1.17 20.51
N ASP B 112 -28.06 0.53 20.47
CA ASP B 112 -29.15 0.80 21.46
C ASP B 112 -28.67 0.53 22.88
N SER B 113 -27.98 -0.59 23.06
CA SER B 113 -27.40 -0.96 24.34
C SER B 113 -26.41 0.12 24.84
N GLU B 114 -25.52 0.60 23.98
CA GLU B 114 -24.52 1.61 24.39
C GLU B 114 -25.25 2.91 24.84
N MET B 115 -26.31 3.28 24.15
CA MET B 115 -27.12 4.45 24.59
C MET B 115 -27.68 4.21 26.00
N ASN B 116 -28.25 3.04 26.19
CA ASN B 116 -28.87 2.69 27.47
C ASN B 116 -27.84 2.60 28.58
N LYS B 117 -26.64 2.11 28.29
CA LYS B 117 -25.60 1.97 29.31
C LYS B 117 -25.13 3.35 29.78
N LEU B 118 -24.99 4.28 28.85
CA LEU B 118 -24.61 5.65 29.21
C LEU B 118 -25.66 6.31 30.09
N PHE B 119 -26.93 6.16 29.71
CA PHE B 119 -28.03 6.69 30.49
C PHE B 119 -28.01 6.12 31.91
N GLU B 120 -27.84 4.82 32.04
CA GLU B 120 -27.85 4.17 33.36
C GLU B 120 -26.66 4.62 34.19
N LYS B 121 -25.52 4.80 33.53
CA LYS B 121 -24.31 5.19 34.24
C LYS B 121 -24.47 6.60 34.81
N THR B 122 -25.07 7.46 34.00
CA THR B 122 -25.30 8.85 34.40
C THR B 122 -26.25 8.92 35.61
N GLY B 123 -27.34 8.16 35.50
CA GLY B 123 -28.30 8.03 36.59
C GLY B 123 -27.65 7.60 37.89
N ARG B 124 -26.76 6.62 37.78
CA ARG B 124 -26.08 6.09 38.96
C ARG B 124 -25.16 7.12 39.59
N GLN B 125 -24.51 7.95 38.79
CA GLN B 125 -23.68 9.00 39.37
C GLN B 125 -24.53 9.99 40.17
N LEU B 126 -25.69 10.35 39.64
CA LEU B 126 -26.53 11.38 40.25
C LEU B 126 -27.20 10.98 41.58
N ARG B 127 -27.32 9.69 41.84
CA ARG B 127 -27.88 9.18 43.10
C ARG B 127 -29.23 9.83 43.39
N GLU B 128 -29.38 10.45 44.57
CA GLU B 128 -30.66 11.03 44.95
C GLU B 128 -30.77 12.51 44.57
N ASN B 129 -29.88 13.00 43.72
CA ASN B 129 -29.86 14.44 43.44
C ASN B 129 -30.61 14.80 42.17
N ALA B 130 -31.15 13.79 41.48
CA ALA B 130 -31.83 13.97 40.22
C ALA B 130 -32.96 12.95 40.05
N GLU B 131 -33.87 13.21 39.12
CA GLU B 131 -34.88 12.24 38.72
C GLU B 131 -34.91 12.09 37.19
N ASP B 132 -35.16 10.85 36.77
CA ASP B 132 -35.35 10.45 35.38
C ASP B 132 -36.69 11.00 34.92
N MET B 133 -36.68 11.89 33.94
CA MET B 133 -37.91 12.51 33.44
C MET B 133 -38.63 11.61 32.45
N GLY B 134 -38.00 10.49 32.09
CA GLY B 134 -38.65 9.48 31.28
C GLY B 134 -38.42 9.64 29.78
N ASN B 135 -37.66 10.66 29.38
CA ASN B 135 -37.38 10.94 27.96
C ASN B 135 -35.87 11.04 27.68
N GLY B 136 -35.09 10.39 28.53
CA GLY B 136 -33.64 10.38 28.45
C GLY B 136 -33.02 11.61 29.12
N CYS B 137 -33.84 12.39 29.83
CA CYS B 137 -33.33 13.57 30.52
C CYS B 137 -33.43 13.37 32.03
N PHE B 138 -32.45 13.92 32.74
CA PHE B 138 -32.50 14.00 34.19
C PHE B 138 -32.79 15.42 34.64
N LYS B 139 -33.76 15.57 35.54
CA LYS B 139 -33.95 16.81 36.28
C LYS B 139 -33.03 16.78 37.50
N ILE B 140 -32.08 17.71 37.54
CA ILE B 140 -31.11 17.81 38.62
C ILE B 140 -31.58 18.89 39.61
N TYR B 141 -31.74 18.50 40.88
CA TYR B 141 -32.45 19.34 41.85
C TYR B 141 -31.51 20.22 42.68
N HIS B 142 -30.47 20.74 42.05
CA HIS B 142 -29.57 21.66 42.70
C HIS B 142 -28.93 22.54 41.65
N LYS B 143 -28.39 23.67 42.08
CA LYS B 143 -27.62 24.51 41.17
C LYS B 143 -26.45 23.71 40.64
N CYS B 144 -26.29 23.68 39.31
CA CYS B 144 -25.27 22.81 38.71
C CYS B 144 -24.66 23.57 37.53
N ASP B 145 -23.61 24.34 37.82
CA ASP B 145 -22.96 25.20 36.83
C ASP B 145 -22.10 24.41 35.84
N ASN B 146 -21.40 25.11 34.95
CA ASN B 146 -20.72 24.43 33.86
C ASN B 146 -19.70 23.43 34.36
N ALA B 147 -19.00 23.78 35.43
CA ALA B 147 -18.01 22.86 35.98
C ALA B 147 -18.68 21.64 36.61
N CYS B 148 -19.85 21.82 37.22
CA CYS B 148 -20.63 20.72 37.78
C CYS B 148 -21.12 19.75 36.68
N ILE B 149 -21.68 20.32 35.61
CA ILE B 149 -22.07 19.53 34.45
C ILE B 149 -20.87 18.75 33.93
N GLU B 150 -19.73 19.41 33.83
CA GLU B 150 -18.55 18.73 33.31
C GLU B 150 -18.12 17.61 34.26
N SER B 151 -18.30 17.80 35.57
CA SER B 151 -17.97 16.72 36.51
C SER B 151 -18.85 15.50 36.28
N ILE B 152 -20.10 15.70 35.93
CA ILE B 152 -20.93 14.55 35.56
C ILE B 152 -20.42 13.88 34.27
N ARG B 153 -20.17 14.71 33.26
CA ARG B 153 -19.74 14.19 31.97
C ARG B 153 -18.41 13.45 32.09
N ASN B 154 -17.51 13.87 32.99
CA ASN B 154 -16.21 13.20 33.07
C ASN B 154 -16.13 12.16 34.20
N GLY B 155 -17.23 11.96 34.91
CA GLY B 155 -17.35 10.83 35.82
C GLY B 155 -16.78 11.06 37.22
N THR B 156 -16.64 12.31 37.62
CA THR B 156 -16.06 12.65 38.91
C THR B 156 -17.08 13.40 39.80
N TYR B 157 -18.33 13.49 39.36
CA TYR B 157 -19.36 14.17 40.15
C TYR B 157 -19.46 13.58 41.56
N ASP B 158 -19.50 14.46 42.56
CA ASP B 158 -19.57 14.03 43.97
C ASP B 158 -20.95 14.31 44.53
N HIS B 159 -21.79 13.28 44.54
CA HIS B 159 -23.20 13.47 44.87
C HIS B 159 -23.36 14.02 46.29
N ASP B 160 -22.45 13.67 47.19
CA ASP B 160 -22.60 14.08 48.59
C ASP B 160 -22.53 15.60 48.75
N VAL B 161 -21.77 16.26 47.89
CA VAL B 161 -21.63 17.70 47.99
C VAL B 161 -22.96 18.39 47.85
N TYR B 162 -23.84 17.83 47.02
CA TYR B 162 -25.06 18.51 46.64
C TYR B 162 -26.32 17.88 47.27
N ARG B 163 -26.15 16.77 48.00
CA ARG B 163 -27.29 15.97 48.43
C ARG B 163 -28.30 16.71 49.29
N ASP B 164 -27.82 17.50 50.25
CA ASP B 164 -28.71 18.24 51.14
C ASP B 164 -29.59 19.21 50.34
N GLU B 165 -28.95 19.97 49.46
CA GLU B 165 -29.65 20.92 48.60
C GLU B 165 -30.70 20.22 47.74
N ALA B 166 -30.32 19.09 47.14
CA ALA B 166 -31.19 18.40 46.20
C ALA B 166 -32.41 17.81 46.89
N LEU B 167 -32.20 17.15 48.02
CA LEU B 167 -33.28 16.52 48.77
C LEU B 167 -34.24 17.58 49.25
N ASN B 168 -33.72 18.72 49.69
CA ASN B 168 -34.60 19.79 50.10
C ASN B 168 -35.49 20.18 48.92
N ASN B 169 -34.90 20.32 47.74
CA ASN B 169 -35.71 20.64 46.57
C ASN B 169 -36.65 19.54 46.08
N ARG B 170 -36.27 18.28 46.22
CA ARG B 170 -37.09 17.19 45.68
C ARG B 170 -38.29 16.91 46.53
N PHE B 171 -38.08 16.92 47.85
CA PHE B 171 -39.02 16.32 48.79
C PHE B 171 -39.69 17.31 49.71
N GLN B 172 -39.25 18.56 49.68
CA GLN B 172 -39.80 19.58 50.58
C GLN B 172 -40.05 20.90 49.85
N GLN C 1 1.17 -4.89 18.56
CA GLN C 1 1.48 -3.46 18.54
C GLN C 1 1.47 -2.89 17.12
N VAL C 2 0.47 -2.04 16.88
CA VAL C 2 0.29 -1.45 15.55
C VAL C 2 1.46 -0.53 15.19
N GLN C 3 1.87 -0.60 13.92
CA GLN C 3 2.77 0.39 13.37
C GLN C 3 2.09 1.02 12.17
N LEU C 4 2.35 2.30 11.95
CA LEU C 4 1.84 2.94 10.73
C LEU C 4 3.01 3.08 9.77
N VAL C 5 2.84 2.55 8.56
CA VAL C 5 3.91 2.54 7.54
C VAL C 5 3.45 3.34 6.34
N GLN C 6 4.17 4.42 6.06
CA GLN C 6 3.78 5.31 4.98
C GLN C 6 4.50 4.97 3.68
N SER C 7 3.93 5.43 2.58
CA SER C 7 4.55 5.26 1.27
C SER C 7 5.80 6.12 1.17
N GLY C 8 6.57 5.88 0.11
CA GLY C 8 7.89 6.46 -0.02
C GLY C 8 7.98 7.90 -0.54
N ALA C 9 9.19 8.44 -0.56
CA ALA C 9 9.38 9.84 -0.94
C ALA C 9 8.84 10.15 -2.34
N GLU C 10 8.36 11.36 -2.50
CA GLU C 10 7.75 11.80 -3.76
C GLU C 10 8.45 13.05 -4.29
N VAL C 11 8.66 13.11 -5.61
CA VAL C 11 9.19 14.28 -6.28
C VAL C 11 8.16 14.71 -7.32
N LYS C 12 7.67 15.93 -7.18
CA LYS C 12 6.51 16.39 -7.92
C LYS C 12 6.76 17.73 -8.59
N LYS C 13 6.13 17.94 -9.73
CA LYS C 13 6.23 19.21 -10.43
C LYS C 13 5.07 20.12 -10.06
N PRO C 14 5.25 21.44 -10.18
CA PRO C 14 4.18 22.38 -9.82
C PRO C 14 2.86 22.13 -10.54
N GLY C 15 1.78 22.19 -9.77
CA GLY C 15 0.45 21.99 -10.32
C GLY C 15 -0.02 20.54 -10.23
N SER C 16 0.90 19.63 -9.95
CA SER C 16 0.55 18.22 -9.89
C SER C 16 -0.14 17.87 -8.57
N SER C 17 -0.50 16.60 -8.42
N SER C 17 -0.50 16.60 -8.42
CA SER C 17 -1.09 16.10 -7.17
CA SER C 17 -1.09 16.11 -7.18
C SER C 17 -0.26 14.95 -6.62
C SER C 17 -0.22 14.98 -6.61
N VAL C 18 -0.32 14.76 -5.31
CA VAL C 18 0.41 13.65 -4.67
C VAL C 18 -0.56 12.93 -3.76
N LYS C 19 -0.49 11.61 -3.76
CA LYS C 19 -1.34 10.84 -2.84
C LYS C 19 -0.46 9.93 -1.99
N VAL C 20 -0.47 10.16 -0.68
CA VAL C 20 0.39 9.44 0.24
C VAL C 20 -0.47 8.42 0.98
N SER C 21 0.06 7.24 1.23
CA SER C 21 -0.68 6.20 1.96
C SER C 21 -0.09 5.94 3.35
N CYS C 22 -0.94 5.40 4.22
CA CYS C 22 -0.58 5.13 5.62
C CYS C 22 -1.21 3.78 5.96
N LYS C 23 -0.40 2.73 6.00
CA LYS C 23 -0.91 1.39 6.28
C LYS C 23 -0.76 1.01 7.74
N SER C 24 -1.84 0.54 8.35
N SER C 24 -1.85 0.57 8.35
CA SER C 24 -1.80 0.10 9.74
CA SER C 24 -1.79 0.07 9.73
C SER C 24 -1.46 -1.38 9.73
C SER C 24 -1.42 -1.39 9.65
N SER C 25 -0.30 -1.73 10.27
CA SER C 25 0.15 -3.12 10.28
C SER C 25 0.23 -3.63 11.70
N GLY C 26 0.04 -4.92 11.87
CA GLY C 26 0.04 -5.48 13.20
C GLY C 26 -1.28 -5.24 13.90
N GLY C 27 -2.31 -4.92 13.13
CA GLY C 27 -3.62 -4.65 13.70
C GLY C 27 -4.31 -3.51 12.96
N THR C 28 -5.63 -3.39 13.11
CA THR C 28 -6.38 -2.35 12.41
C THR C 28 -6.37 -1.06 13.18
N SER C 29 -6.59 0.02 12.45
CA SER C 29 -6.80 1.33 13.06
C SER C 29 -8.17 1.88 12.67
N ASN C 30 -9.03 1.02 12.15
CA ASN C 30 -10.31 1.49 11.61
C ASN C 30 -11.24 2.09 12.64
N ASN C 31 -11.05 1.70 13.89
CA ASN C 31 -11.87 2.17 15.00
C ASN C 31 -11.31 3.44 15.66
N TYR C 32 -10.26 4.02 15.06
CA TYR C 32 -9.63 5.24 15.56
C TYR C 32 -9.66 6.33 14.48
N ALA C 33 -9.51 7.58 14.89
CA ALA C 33 -9.20 8.67 13.95
C ALA C 33 -7.71 8.62 13.62
N ILE C 34 -7.40 8.83 12.33
CA ILE C 34 -6.03 9.08 11.90
C ILE C 34 -5.97 10.48 11.27
N SER C 35 -5.01 11.28 11.70
CA SER C 35 -4.82 12.60 11.13
C SER C 35 -3.61 12.63 10.22
N TRP C 36 -3.60 13.62 9.34
CA TRP C 36 -2.42 13.93 8.55
C TRP C 36 -1.87 15.28 9.02
N VAL C 37 -0.57 15.31 9.28
CA VAL C 37 0.07 16.49 9.85
C VAL C 37 1.34 16.72 9.04
N ARG C 38 1.55 17.94 8.55
CA ARG C 38 2.76 18.15 7.76
C ARG C 38 3.74 19.07 8.45
N GLN C 39 4.98 19.04 7.99
CA GLN C 39 6.01 19.87 8.61
C GLN C 39 6.92 20.40 7.49
N ALA C 40 6.74 21.67 7.16
CA ALA C 40 7.57 22.30 6.13
C ALA C 40 8.99 22.47 6.67
N PRO C 41 9.99 22.57 5.77
CA PRO C 41 11.38 22.59 6.23
C PRO C 41 11.62 23.69 7.24
N GLY C 42 12.14 23.30 8.41
CA GLY C 42 12.45 24.25 9.45
C GLY C 42 11.23 24.81 10.15
N GLN C 43 10.04 24.32 9.81
CA GLN C 43 8.83 24.86 10.41
C GLN C 43 8.16 23.88 11.37
N GLY C 44 7.01 24.29 11.89
CA GLY C 44 6.36 23.50 12.91
C GLY C 44 5.34 22.55 12.31
N LEU C 45 4.71 21.76 13.18
CA LEU C 45 3.65 20.85 12.77
C LEU C 45 2.37 21.60 12.39
N ASP C 46 1.66 21.07 11.39
CA ASP C 46 0.49 21.75 10.85
C ASP C 46 -0.54 20.68 10.47
N TRP C 47 -1.73 20.75 11.07
CA TRP C 47 -2.77 19.76 10.82
C TRP C 47 -3.42 19.96 9.47
N MET C 48 -3.58 18.87 8.74
CA MET C 48 -4.24 18.96 7.43
C MET C 48 -5.70 18.53 7.52
N GLY C 49 -5.98 17.57 8.39
CA GLY C 49 -7.31 16.99 8.49
C GLY C 49 -7.19 15.57 9.00
N GLY C 50 -8.30 14.84 9.04
CA GLY C 50 -8.26 13.45 9.51
C GLY C 50 -9.45 12.63 9.03
N ILE C 51 -9.44 11.35 9.36
CA ILE C 51 -10.53 10.47 8.99
C ILE C 51 -10.71 9.41 10.07
N SER C 52 -11.97 9.04 10.34
CA SER C 52 -12.28 8.00 11.30
C SER C 52 -13.30 7.14 10.54
N PRO C 53 -12.81 6.08 9.88
CA PRO C 53 -13.58 5.48 8.77
C PRO C 53 -14.81 4.65 9.16
N ILE C 54 -14.80 3.96 10.30
CA ILE C 54 -16.01 3.26 10.72
C ILE C 54 -17.04 4.25 11.29
N PHE C 55 -16.56 5.15 12.14
CA PHE C 55 -17.38 6.23 12.69
C PHE C 55 -18.05 7.02 11.57
N GLY C 56 -17.30 7.23 10.48
CA GLY C 56 -17.82 7.87 9.29
C GLY C 56 -17.48 9.34 9.13
N SER C 57 -16.43 9.79 9.79
CA SER C 57 -16.06 11.19 9.80
C SER C 57 -14.83 11.45 8.93
N THR C 58 -14.88 12.50 8.13
CA THR C 58 -13.67 13.06 7.52
C THR C 58 -13.64 14.54 7.86
N ALA C 59 -12.51 15.02 8.39
CA ALA C 59 -12.41 16.43 8.75
C ALA C 59 -11.24 17.10 8.06
N TYR C 60 -11.36 18.39 7.78
CA TYR C 60 -10.31 19.14 7.09
C TYR C 60 -10.03 20.44 7.80
N ALA C 61 -8.75 20.82 7.83
CA ALA C 61 -8.36 22.15 8.25
C ALA C 61 -8.90 23.16 7.23
N GLN C 62 -9.45 24.24 7.73
CA GLN C 62 -9.94 25.31 6.87
C GLN C 62 -8.89 25.77 5.86
N LYS C 63 -7.64 25.89 6.30
CA LYS C 63 -6.61 26.39 5.39
C LYS C 63 -6.29 25.44 4.21
N PHE C 64 -6.73 24.19 4.30
CA PHE C 64 -6.53 23.20 3.22
C PHE C 64 -7.82 22.72 2.58
N GLN C 65 -8.94 23.17 3.12
CA GLN C 65 -10.24 22.78 2.59
C GLN C 65 -10.29 23.01 1.07
N GLY C 66 -10.73 22.00 0.34
CA GLY C 66 -10.88 22.12 -1.10
C GLY C 66 -9.66 21.68 -1.88
N ARG C 67 -8.48 21.67 -1.25
CA ARG C 67 -7.27 21.28 -1.95
C ARG C 67 -6.79 19.89 -1.54
N VAL C 68 -7.24 19.42 -0.38
CA VAL C 68 -6.83 18.11 0.10
C VAL C 68 -8.04 17.16 0.16
N THR C 69 -7.80 15.90 -0.19
CA THR C 69 -8.81 14.87 -0.03
C THR C 69 -8.24 13.75 0.84
N ILE C 70 -8.92 13.46 1.95
CA ILE C 70 -8.47 12.40 2.85
C ILE C 70 -9.47 11.26 2.74
N SER C 71 -8.97 10.03 2.70
CA SER C 71 -9.82 8.88 2.47
C SER C 71 -9.24 7.66 3.16
N ALA C 72 -10.00 6.56 3.14
CA ALA C 72 -9.53 5.34 3.80
C ALA C 72 -10.11 4.12 3.14
N ASP C 73 -9.36 3.02 3.22
CA ASP C 73 -9.83 1.74 2.73
C ASP C 73 -9.85 0.81 3.95
N ILE C 74 -11.04 0.54 4.49
CA ILE C 74 -11.07 -0.23 5.72
C ILE C 74 -10.61 -1.66 5.49
N PHE C 75 -10.68 -2.14 4.25
CA PHE C 75 -10.36 -3.54 3.98
C PHE C 75 -8.87 -3.81 3.90
N SER C 76 -8.09 -2.79 3.55
CA SER C 76 -6.63 -2.91 3.52
C SER C 76 -6.01 -2.18 4.70
N ASN C 77 -6.85 -1.69 5.61
CA ASN C 77 -6.35 -0.94 6.78
C ASN C 77 -5.43 0.22 6.39
N THR C 78 -5.83 0.95 5.36
CA THR C 78 -4.96 2.04 4.85
C THR C 78 -5.72 3.36 4.81
N ALA C 79 -5.04 4.45 5.20
CA ALA C 79 -5.58 5.80 5.08
C ALA C 79 -4.77 6.54 4.01
N TYR C 80 -5.37 7.54 3.38
CA TYR C 80 -4.71 8.26 2.30
C TYR C 80 -4.89 9.76 2.44
N MET C 81 -3.93 10.51 1.92
CA MET C 81 -4.03 11.96 1.82
C MET C 81 -3.63 12.33 0.39
N GLU C 82 -4.50 13.02 -0.33
CA GLU C 82 -4.16 13.50 -1.67
C GLU C 82 -4.18 15.01 -1.65
N LEU C 83 -3.05 15.63 -2.01
CA LEU C 83 -2.97 17.09 -2.00
C LEU C 83 -2.80 17.54 -3.45
N ASN C 84 -3.66 18.45 -3.90
CA ASN C 84 -3.69 18.86 -5.31
C ASN C 84 -3.04 20.22 -5.53
N SER C 85 -2.82 20.57 -6.79
CA SER C 85 -2.25 21.88 -7.15
C SER C 85 -0.98 22.25 -6.38
N LEU C 86 -0.02 21.34 -6.35
CA LEU C 86 1.20 21.50 -5.56
C LEU C 86 2.05 22.69 -5.99
N THR C 87 2.60 23.40 -5.00
CA THR C 87 3.64 24.41 -5.27
C THR C 87 4.79 24.16 -4.30
N SER C 88 5.85 24.97 -4.39
CA SER C 88 6.98 24.81 -3.50
C SER C 88 6.60 25.01 -2.03
N GLU C 89 5.48 25.69 -1.78
CA GLU C 89 4.98 25.87 -0.41
C GLU C 89 4.53 24.54 0.21
N ASP C 90 4.35 23.52 -0.63
CA ASP C 90 3.91 22.20 -0.15
C ASP C 90 5.08 21.25 0.06
N THR C 91 6.29 21.70 -0.27
CA THR C 91 7.45 20.87 0.03
C THR C 91 7.53 20.73 1.57
N ALA C 92 7.51 19.49 2.05
CA ALA C 92 7.34 19.19 3.48
C ALA C 92 7.45 17.71 3.73
N VAL C 93 7.56 17.33 5.00
CA VAL C 93 7.40 15.94 5.37
C VAL C 93 5.96 15.80 5.84
N TYR C 94 5.29 14.75 5.36
CA TYR C 94 3.88 14.54 5.70
C TYR C 94 3.80 13.31 6.62
N PHE C 95 3.16 13.45 7.78
CA PHE C 95 3.02 12.33 8.72
C PHE C 95 1.56 11.93 8.83
N CYS C 96 1.31 10.63 8.96
CA CYS C 96 0.02 10.20 9.46
C CYS C 96 0.16 9.86 10.94
N ALA C 97 -0.89 10.08 11.71
CA ALA C 97 -0.81 9.79 13.15
C ALA C 97 -2.16 9.35 13.66
N ARG C 98 -2.14 8.35 14.54
CA ARG C 98 -3.40 7.83 15.08
C ARG C 98 -3.68 8.44 16.44
N HIS C 99 -4.93 8.88 16.63
CA HIS C 99 -5.42 9.42 17.88
C HIS C 99 -5.69 8.30 18.90
N GLY C 100 -5.86 8.68 20.17
CA GLY C 100 -6.11 7.71 21.21
C GLY C 100 -7.50 7.10 21.14
N ASN C 101 -8.37 7.71 20.34
CA ASN C 101 -9.74 7.21 20.18
C ASN C 101 -10.27 7.56 18.80
N TYR C 102 -11.59 7.46 18.62
CA TYR C 102 -12.22 7.63 17.31
C TYR C 102 -12.27 9.06 16.76
N TYR C 103 -11.81 10.05 17.53
CA TYR C 103 -11.95 11.43 17.09
C TYR C 103 -10.64 12.21 17.28
N TYR C 104 -10.67 13.49 16.91
CA TYR C 104 -9.43 14.25 16.67
C TYR C 104 -8.94 15.03 17.91
N TYR C 105 -9.71 15.00 18.98
CA TYR C 105 -9.33 15.75 20.19
C TYR C 105 -8.21 15.06 20.96
N SER C 106 -8.24 13.73 21.00
CA SER C 106 -7.30 12.96 21.81
C SER C 106 -5.86 13.07 21.30
N GLY C 107 -4.89 12.90 22.20
CA GLY C 107 -3.48 12.93 21.79
C GLY C 107 -3.18 11.92 20.68
N MET C 108 -2.30 12.31 19.75
CA MET C 108 -1.90 11.40 18.70
C MET C 108 -0.73 10.55 19.20
N ASP C 109 -0.98 9.27 19.44
CA ASP C 109 0.06 8.46 20.08
C ASP C 109 0.82 7.48 19.22
N VAL C 110 0.35 7.21 17.99
CA VAL C 110 1.07 6.31 17.11
C VAL C 110 1.32 7.10 15.84
N TRP C 111 2.58 7.19 15.40
CA TRP C 111 2.92 7.99 14.23
C TRP C 111 3.57 7.18 13.14
N GLY C 112 3.26 7.52 11.89
CA GLY C 112 3.99 6.96 10.77
C GLY C 112 5.39 7.57 10.68
N GLN C 113 6.20 7.05 9.76
CA GLN C 113 7.60 7.46 9.69
C GLN C 113 7.80 8.77 8.93
N GLY C 114 6.75 9.22 8.25
CA GLY C 114 6.80 10.43 7.46
C GLY C 114 7.10 10.14 6.01
N THR C 115 6.62 11.02 5.14
CA THR C 115 6.85 10.94 3.71
C THR C 115 7.28 12.31 3.23
N THR C 116 8.47 12.36 2.62
CA THR C 116 8.99 13.62 2.10
C THR C 116 8.37 13.88 0.73
N VAL C 117 7.83 15.07 0.54
CA VAL C 117 7.36 15.48 -0.78
C VAL C 117 8.15 16.71 -1.19
N THR C 118 8.77 16.65 -2.35
CA THR C 118 9.60 17.76 -2.85
C THR C 118 9.00 18.26 -4.14
N VAL C 119 8.66 19.54 -4.18
CA VAL C 119 7.99 20.13 -5.34
C VAL C 119 8.97 21.05 -6.07
N ALA C 122 10.90 19.56 -10.66
CA ALA C 122 12.20 19.20 -11.20
C ALA C 122 12.20 17.80 -11.80
N SER C 123 12.97 18.33 -12.83
CA SER C 123 13.04 17.07 -13.54
C SER C 123 14.23 16.27 -13.02
N THR C 124 14.04 14.96 -12.93
CA THR C 124 15.12 14.03 -12.61
C THR C 124 16.39 14.32 -13.44
N LYS C 125 17.51 14.43 -12.74
CA LYS C 125 18.77 14.76 -13.38
C LYS C 125 19.92 14.21 -12.54
N GLY C 126 20.81 13.47 -13.18
CA GLY C 126 21.97 12.94 -12.51
C GLY C 126 23.02 14.02 -12.32
N PRO C 127 23.90 13.83 -11.33
CA PRO C 127 24.89 14.83 -10.93
C PRO C 127 26.10 14.89 -11.88
N SER C 128 26.71 16.07 -11.95
CA SER C 128 28.05 16.21 -12.53
C SER C 128 29.03 16.25 -11.36
N VAL C 129 30.03 15.35 -11.39
CA VAL C 129 30.95 15.20 -10.26
C VAL C 129 32.35 15.76 -10.52
N PHE C 130 32.82 16.63 -9.62
CA PHE C 130 34.14 17.22 -9.77
C PHE C 130 35.05 16.93 -8.58
N PRO C 131 36.36 16.80 -8.83
CA PRO C 131 37.30 16.51 -7.74
C PRO C 131 37.65 17.77 -6.96
N LEU C 132 37.89 17.58 -5.66
CA LEU C 132 38.34 18.66 -4.79
C LEU C 132 39.74 18.29 -4.31
N ALA C 133 40.75 18.89 -4.92
CA ALA C 133 42.15 18.52 -4.70
C ALA C 133 42.74 19.09 -3.40
N PRO C 134 43.62 18.30 -2.75
CA PRO C 134 44.29 18.74 -1.53
C PRO C 134 45.18 19.96 -1.78
N GLY C 141 52.79 18.37 7.43
CA GLY C 141 51.36 18.62 7.40
C GLY C 141 50.59 17.74 8.36
N GLY C 142 50.88 16.44 8.33
CA GLY C 142 50.17 15.49 9.17
C GLY C 142 48.97 14.90 8.47
N THR C 143 47.94 15.72 8.27
CA THR C 143 46.71 15.26 7.62
C THR C 143 46.29 16.22 6.51
N ALA C 144 45.54 15.70 5.54
CA ALA C 144 45.07 16.50 4.42
C ALA C 144 43.57 16.33 4.20
N ALA C 145 42.98 17.26 3.44
CA ALA C 145 41.55 17.22 3.13
C ALA C 145 41.30 17.23 1.63
N LEU C 146 40.69 16.16 1.13
CA LEU C 146 40.35 16.06 -0.28
C LEU C 146 38.93 15.52 -0.42
N GLY C 147 38.26 15.87 -1.52
CA GLY C 147 36.88 15.43 -1.69
C GLY C 147 36.32 15.48 -3.09
N CYS C 148 34.99 15.38 -3.17
CA CYS C 148 34.28 15.45 -4.44
C CYS C 148 33.10 16.41 -4.32
N LEU C 149 32.89 17.18 -5.38
CA LEU C 149 31.73 18.05 -5.46
C LEU C 149 30.69 17.36 -6.31
N VAL C 150 29.49 17.19 -5.76
CA VAL C 150 28.43 16.50 -6.50
C VAL C 150 27.36 17.52 -6.89
N LYS C 151 27.37 17.90 -8.18
CA LYS C 151 26.66 19.08 -8.66
C LYS C 151 25.36 18.84 -9.43
N ASP C 152 24.37 19.70 -9.15
CA ASP C 152 23.17 19.85 -9.98
C ASP C 152 22.44 18.53 -10.23
N TYR C 153 21.94 17.92 -9.15
CA TYR C 153 21.15 16.70 -9.30
C TYR C 153 19.74 16.88 -8.70
N PHE C 154 18.83 16.02 -9.12
CA PHE C 154 17.49 15.98 -8.56
C PHE C 154 16.87 14.63 -8.86
N PRO C 155 16.18 14.04 -7.87
CA PRO C 155 15.98 14.53 -6.50
C PRO C 155 17.00 13.89 -5.56
N GLU C 156 16.90 14.20 -4.26
CA GLU C 156 17.61 13.43 -3.25
C GLU C 156 17.15 11.99 -3.32
N PRO C 157 17.99 11.04 -2.89
CA PRO C 157 19.33 11.26 -2.35
C PRO C 157 20.44 10.81 -3.27
N VAL C 158 21.66 11.14 -2.88
CA VAL C 158 22.86 10.65 -3.54
C VAL C 158 23.65 9.87 -2.49
N THR C 159 24.24 8.74 -2.87
CA THR C 159 25.19 8.07 -1.96
C THR C 159 26.61 8.24 -2.48
N VAL C 160 27.52 8.55 -1.56
CA VAL C 160 28.92 8.68 -1.91
C VAL C 160 29.76 7.74 -1.06
N SER C 161 30.59 6.94 -1.74
CA SER C 161 31.57 6.10 -1.05
C SER C 161 32.97 6.45 -1.56
N TRP C 162 33.97 6.03 -0.80
CA TRP C 162 35.36 6.24 -1.22
C TRP C 162 36.09 4.92 -1.40
N ASN C 163 36.85 4.82 -2.49
CA ASN C 163 37.57 3.61 -2.83
C ASN C 163 36.68 2.37 -2.76
N SER C 164 35.51 2.45 -3.39
CA SER C 164 34.55 1.34 -3.46
C SER C 164 34.12 0.83 -2.08
N GLY C 165 34.11 1.73 -1.10
CA GLY C 165 33.65 1.40 0.24
C GLY C 165 34.77 0.98 1.17
N ALA C 166 35.99 0.91 0.63
CA ALA C 166 37.14 0.46 1.40
C ALA C 166 37.61 1.53 2.39
N LEU C 167 37.38 2.80 2.05
CA LEU C 167 37.78 3.90 2.92
C LEU C 167 36.57 4.53 3.58
N THR C 168 36.41 4.28 4.89
CA THR C 168 35.28 4.81 5.64
C THR C 168 35.72 5.86 6.66
N SER C 169 36.94 5.74 7.15
CA SER C 169 37.46 6.65 8.19
C SER C 169 37.75 8.05 7.66
N GLY C 170 37.34 9.06 8.43
CA GLY C 170 37.63 10.44 8.09
C GLY C 170 36.72 11.02 7.02
N VAL C 171 35.71 10.24 6.62
CA VAL C 171 34.76 10.67 5.60
C VAL C 171 33.62 11.50 6.18
N HIS C 172 33.36 12.65 5.57
CA HIS C 172 32.28 13.53 6.00
C HIS C 172 31.49 14.02 4.79
N THR C 173 30.33 13.39 4.54
CA THR C 173 29.46 13.83 3.46
C THR C 173 28.44 14.84 3.98
N PHE C 174 28.55 16.07 3.48
CA PHE C 174 27.72 17.17 3.97
C PHE C 174 26.31 17.10 3.38
N PRO C 175 25.31 17.54 4.18
CA PRO C 175 23.95 17.65 3.62
C PRO C 175 23.93 18.59 2.42
N ALA C 176 23.15 18.22 1.41
CA ALA C 176 23.03 19.00 0.18
C ALA C 176 22.45 20.39 0.40
N VAL C 177 22.82 21.32 -0.47
CA VAL C 177 22.15 22.59 -0.54
C VAL C 177 21.10 22.50 -1.66
N LEU C 178 19.95 23.12 -1.44
CA LEU C 178 18.90 23.16 -2.47
C LEU C 178 18.96 24.51 -3.16
N GLN C 179 19.35 24.52 -4.43
CA GLN C 179 19.51 25.77 -5.18
C GLN C 179 18.17 26.36 -5.57
N SER C 180 18.18 27.63 -5.96
CA SER C 180 16.97 28.28 -6.45
C SER C 180 16.51 27.65 -7.77
N SER C 181 17.43 26.97 -8.46
CA SER C 181 17.08 26.27 -9.69
C SER C 181 16.15 25.10 -9.41
N GLY C 182 16.25 24.56 -8.19
CA GLY C 182 15.47 23.41 -7.81
C GLY C 182 16.34 22.17 -7.76
N LEU C 183 17.61 22.33 -8.13
CA LEU C 183 18.55 21.22 -8.10
C LEU C 183 19.37 21.23 -6.81
N TYR C 184 19.90 20.07 -6.45
CA TYR C 184 20.73 19.94 -5.25
C TYR C 184 22.20 19.88 -5.64
N SER C 185 23.07 20.20 -4.69
CA SER C 185 24.49 19.97 -4.79
C SER C 185 25.01 19.60 -3.42
N LEU C 186 25.92 18.64 -3.34
CA LEU C 186 26.59 18.33 -2.07
C LEU C 186 28.10 18.12 -2.24
N SER C 187 28.80 18.06 -1.12
CA SER C 187 30.22 17.75 -1.14
C SER C 187 30.52 16.62 -0.17
N SER C 188 31.48 15.78 -0.52
CA SER C 188 31.98 14.77 0.40
C SER C 188 33.48 14.98 0.53
N VAL C 189 33.95 15.17 1.76
CA VAL C 189 35.37 15.37 1.99
C VAL C 189 35.90 14.31 2.95
N VAL C 190 37.05 13.74 2.62
CA VAL C 190 37.70 12.77 3.49
C VAL C 190 39.02 13.33 4.01
N THR C 191 39.25 13.17 5.32
CA THR C 191 40.49 13.64 5.93
C THR C 191 41.48 12.48 6.08
N VAL C 192 42.72 12.71 5.62
CA VAL C 192 43.65 11.63 5.36
C VAL C 192 45.09 12.09 5.64
N PRO C 193 45.96 11.17 6.11
CA PRO C 193 47.39 11.44 6.30
C PRO C 193 48.07 11.92 5.01
N SER C 194 48.72 13.08 5.07
CA SER C 194 49.30 13.71 3.88
C SER C 194 50.51 12.94 3.33
N SER C 195 51.07 12.09 4.17
CA SER C 195 52.20 11.26 3.83
C SER C 195 51.65 10.28 2.81
N SER C 196 50.45 9.82 3.08
CA SER C 196 49.78 8.89 2.19
C SER C 196 49.10 9.69 1.10
N LEU C 197 49.92 10.46 0.38
CA LEU C 197 49.44 11.26 -0.74
C LEU C 197 49.99 10.75 -2.07
N GLY C 198 51.28 10.45 -2.10
CA GLY C 198 51.91 9.96 -3.32
C GLY C 198 52.04 8.45 -3.37
N THR C 199 51.07 7.76 -2.77
CA THR C 199 51.07 6.30 -2.75
C THR C 199 49.66 5.76 -2.96
N GLN C 200 48.78 6.03 -2.00
CA GLN C 200 47.39 5.58 -2.06
C GLN C 200 46.57 6.46 -2.99
N THR C 201 45.79 5.83 -3.87
CA THR C 201 44.89 6.56 -4.75
C THR C 201 43.53 6.81 -4.08
N TYR C 202 42.92 7.94 -4.38
CA TYR C 202 41.61 8.25 -3.79
C TYR C 202 40.56 8.50 -4.85
N ILE C 203 39.53 7.66 -4.82
CA ILE C 203 38.44 7.71 -5.79
C ILE C 203 37.10 7.79 -5.05
N CYS C 204 36.28 8.77 -5.43
CA CYS C 204 34.93 8.83 -4.88
C CYS C 204 33.95 8.18 -5.85
N ASN C 205 33.02 7.42 -5.30
CA ASN C 205 32.00 6.76 -6.09
C ASN C 205 30.65 7.39 -5.79
N VAL C 206 30.02 7.97 -6.80
CA VAL C 206 28.77 8.68 -6.58
C VAL C 206 27.63 7.93 -7.25
N ASN C 207 26.65 7.52 -6.46
CA ASN C 207 25.49 6.81 -7.01
C ASN C 207 24.21 7.63 -6.86
N HIS C 208 23.54 7.87 -7.97
CA HIS C 208 22.24 8.54 -7.97
C HIS C 208 21.19 7.64 -8.59
N LYS C 209 20.54 6.84 -7.76
CA LYS C 209 19.53 5.90 -8.21
C LYS C 209 18.44 6.46 -9.14
N PRO C 210 17.80 7.59 -8.77
CA PRO C 210 16.68 8.06 -9.59
C PRO C 210 17.02 8.28 -11.06
N SER C 211 18.25 8.64 -11.37
CA SER C 211 18.66 8.83 -12.76
C SER C 211 19.48 7.65 -13.26
N ASN C 212 19.59 6.62 -12.41
CA ASN C 212 20.55 5.53 -12.60
C ASN C 212 21.93 6.00 -13.04
N THR C 213 22.48 6.96 -12.30
CA THR C 213 23.81 7.49 -12.56
C THR C 213 24.81 6.85 -11.59
N LYS C 214 25.95 6.43 -12.10
CA LYS C 214 27.02 5.95 -11.23
C LYS C 214 28.37 6.43 -11.78
N VAL C 215 29.02 7.29 -11.01
CA VAL C 215 30.27 7.90 -11.45
C VAL C 215 31.40 7.64 -10.44
N ASP C 216 32.56 7.25 -10.94
CA ASP C 216 33.77 7.22 -10.13
C ASP C 216 34.60 8.44 -10.53
N LYS C 217 35.25 9.06 -9.55
CA LYS C 217 36.05 10.25 -9.86
C LYS C 217 37.34 10.24 -9.05
N ARG C 218 38.46 10.26 -9.76
CA ARG C 218 39.76 10.25 -9.11
C ARG C 218 40.13 11.65 -8.62
N VAL C 219 40.60 11.74 -7.39
CA VAL C 219 41.02 13.02 -6.86
C VAL C 219 42.52 13.04 -6.61
N GLU C 220 43.23 13.82 -7.43
CA GLU C 220 44.69 13.92 -7.40
C GLU C 220 45.14 15.26 -6.84
N PRO C 221 46.32 15.28 -6.20
CA PRO C 221 46.91 16.51 -5.66
C PRO C 221 47.16 17.57 -6.73
N SER D 2 1.20 28.96 14.42
CA SER D 2 0.74 29.81 15.51
C SER D 2 -0.57 29.31 16.15
N ALA D 3 -1.47 30.25 16.42
CA ALA D 3 -2.58 30.04 17.36
C ALA D 3 -2.04 29.80 18.77
N LEU D 4 -1.21 28.77 18.95
CA LEU D 4 -0.50 28.60 20.22
C LEU D 4 0.91 29.20 20.08
N THR D 5 1.36 29.87 21.14
CA THR D 5 2.65 30.58 21.11
C THR D 5 3.59 29.98 22.14
N GLN D 6 4.79 29.62 21.69
CA GLN D 6 5.83 29.04 22.53
C GLN D 6 7.12 29.83 22.35
N PRO D 7 7.99 29.81 23.37
CA PRO D 7 9.32 30.40 23.17
C PRO D 7 10.07 29.57 22.14
N PRO D 8 10.80 30.21 21.24
CA PRO D 8 11.54 29.43 20.24
C PRO D 8 12.61 28.54 20.86
N ALA D 9 13.11 28.89 22.05
CA ALA D 9 14.24 28.18 22.64
C ALA D 9 14.18 28.14 24.17
N VAL D 10 14.61 27.03 24.74
CA VAL D 10 14.87 26.92 26.17
C VAL D 10 16.14 26.10 26.36
N SER D 11 16.82 26.30 27.49
CA SER D 11 18.00 25.51 27.74
C SER D 11 18.16 25.21 29.23
N GLY D 12 18.99 24.21 29.52
CA GLY D 12 19.29 23.84 30.88
C GLY D 12 20.45 22.89 30.96
N THR D 13 20.96 22.68 32.17
CA THR D 13 22.03 21.74 32.39
C THR D 13 21.45 20.42 32.83
N PRO D 14 22.21 19.33 32.64
CA PRO D 14 21.76 18.02 33.11
C PRO D 14 21.37 18.10 34.58
N GLY D 15 20.18 17.61 34.90
CA GLY D 15 19.65 17.70 36.25
C GLY D 15 18.83 18.94 36.60
N GLN D 16 18.93 19.99 35.79
CA GLN D 16 18.15 21.21 36.05
C GLN D 16 16.67 20.98 35.76
N ARG D 17 15.81 21.83 36.32
CA ARG D 17 14.40 21.82 35.93
C ARG D 17 14.15 22.85 34.84
N VAL D 18 13.52 22.44 33.74
CA VAL D 18 13.20 23.39 32.68
C VAL D 18 11.71 23.41 32.41
N THR D 19 11.20 24.59 32.08
CA THR D 19 9.77 24.72 31.76
C THR D 19 9.63 25.32 30.37
N ILE D 20 8.57 24.92 29.69
CA ILE D 20 8.24 25.43 28.36
C ILE D 20 6.80 25.90 28.37
N SER D 21 6.58 27.18 28.05
CA SER D 21 5.24 27.75 28.11
C SER D 21 4.52 27.65 26.78
N CYS D 22 3.19 27.75 26.84
CA CYS D 22 2.34 27.67 25.67
C CYS D 22 1.15 28.61 25.86
N SER D 23 1.14 29.73 25.15
CA SER D 23 0.03 30.69 25.23
C SER D 23 -0.98 30.48 24.11
N GLY D 24 -2.25 30.37 24.50
CA GLY D 24 -3.34 30.23 23.55
C GLY D 24 -4.43 31.26 23.74
N SER D 25 -5.66 30.86 23.46
CA SER D 25 -6.81 31.76 23.55
C SER D 25 -7.99 31.00 24.13
N ASP D 26 -9.14 31.65 24.21
CA ASP D 26 -10.34 31.02 24.74
C ASP D 26 -10.82 29.88 23.86
N SER D 27 -10.64 30.01 22.55
CA SER D 27 -11.17 29.03 21.61
C SER D 27 -10.37 27.73 21.57
N ASN D 28 -9.16 27.74 22.12
CA ASN D 28 -8.38 26.50 22.23
C ASN D 28 -8.06 26.11 23.68
N ILE D 29 -6.91 26.55 24.18
CA ILE D 29 -6.46 26.16 25.51
C ILE D 29 -7.51 26.47 26.57
N GLY D 30 -8.16 27.62 26.44
CA GLY D 30 -9.21 28.02 27.36
C GLY D 30 -10.27 26.96 27.58
N ARG D 31 -10.78 26.41 26.48
CA ARG D 31 -11.92 25.50 26.55
C ARG D 31 -11.59 24.06 26.14
N ARG D 32 -10.34 23.80 25.76
CA ARG D 32 -9.96 22.45 25.34
C ARG D 32 -8.69 21.93 26.00
N SER D 33 -8.52 20.61 25.98
CA SER D 33 -7.37 19.94 26.59
C SER D 33 -6.11 20.09 25.76
N VAL D 34 -4.96 20.12 26.44
CA VAL D 34 -3.66 20.32 25.77
C VAL D 34 -2.86 19.01 25.66
N ASN D 35 -2.23 18.79 24.49
CA ASN D 35 -1.33 17.66 24.29
C ASN D 35 0.05 18.22 24.04
N TRP D 36 1.09 17.48 24.41
CA TRP D 36 2.45 17.90 24.16
C TRP D 36 3.18 16.80 23.39
N TYR D 37 4.01 17.19 22.43
CA TYR D 37 4.78 16.25 21.63
C TYR D 37 6.26 16.59 21.68
N GLN D 38 7.09 15.55 21.63
CA GLN D 38 8.55 15.68 21.58
C GLN D 38 9.01 15.18 20.21
N GLN D 39 9.94 15.89 19.57
CA GLN D 39 10.41 15.47 18.25
C GLN D 39 11.92 15.61 18.11
N PHE D 40 12.59 14.51 17.78
CA PHE D 40 14.02 14.54 17.43
C PHE D 40 14.15 14.74 15.93
N PRO D 41 15.24 15.39 15.49
CA PRO D 41 15.39 15.77 14.08
C PRO D 41 15.22 14.59 13.13
N GLY D 42 14.42 14.77 12.08
CA GLY D 42 14.22 13.75 11.07
C GLY D 42 13.45 12.51 11.49
N THR D 43 12.77 12.58 12.62
CA THR D 43 11.99 11.44 13.10
C THR D 43 10.58 11.94 13.44
N ALA D 44 9.63 11.04 13.58
CA ALA D 44 8.26 11.48 13.88
C ALA D 44 8.14 11.94 15.33
N PRO D 45 7.21 12.86 15.59
CA PRO D 45 6.91 13.28 16.96
C PRO D 45 6.45 12.10 17.83
N LYS D 46 6.59 12.28 19.14
CA LYS D 46 6.14 11.33 20.15
C LYS D 46 5.19 12.04 21.10
N LEU D 47 4.09 11.38 21.47
CA LEU D 47 3.18 11.96 22.44
C LEU D 47 3.81 11.90 23.85
N LEU D 48 3.87 13.06 24.50
CA LEU D 48 4.51 13.18 25.82
C LEU D 48 3.48 13.35 26.96
N ILE D 49 2.49 14.21 26.73
CA ILE D 49 1.43 14.52 27.70
C ILE D 49 0.12 14.63 26.94
N TYR D 50 -0.99 14.17 27.53
CA TYR D 50 -2.29 14.37 26.93
C TYR D 50 -3.28 14.79 28.02
N SER D 51 -4.45 15.29 27.62
CA SER D 51 -5.46 15.72 28.57
C SER D 51 -4.94 16.73 29.59
N ASN D 52 -3.95 17.52 29.18
CA ASN D 52 -3.38 18.54 30.05
C ASN D 52 -2.22 18.11 30.94
N ASP D 53 -2.43 17.07 31.75
CA ASP D 53 -1.40 16.61 32.66
C ASP D 53 -1.22 15.10 32.72
N GLN D 54 -1.85 14.38 31.80
CA GLN D 54 -1.73 12.92 31.79
C GLN D 54 -0.53 12.45 30.98
N ARG D 55 0.13 11.42 31.48
CA ARG D 55 1.39 10.94 30.91
C ARG D 55 1.25 9.50 30.46
N PRO D 56 1.58 9.22 29.18
CA PRO D 56 1.61 7.83 28.72
C PRO D 56 2.57 7.01 29.56
N SER D 57 2.28 5.72 29.70
CA SER D 57 3.04 4.88 30.62
C SER D 57 4.51 4.81 30.25
N VAL D 58 4.80 4.92 28.96
CA VAL D 58 6.18 4.81 28.48
C VAL D 58 7.01 6.10 28.66
N VAL D 59 6.34 7.20 29.01
CA VAL D 59 7.02 8.48 29.20
C VAL D 59 7.50 8.66 30.65
N PRO D 60 8.80 8.97 30.85
CA PRO D 60 9.39 9.14 32.19
C PRO D 60 8.63 10.17 33.02
N ASP D 61 8.57 9.96 34.33
CA ASP D 61 7.80 10.82 35.21
C ASP D 61 8.43 12.20 35.41
N ARG D 62 9.63 12.42 34.89
CA ARG D 62 10.24 13.75 34.93
C ARG D 62 9.50 14.76 34.04
N PHE D 63 8.64 14.24 33.16
CA PHE D 63 7.81 15.10 32.32
C PHE D 63 6.44 15.33 32.96
N SER D 64 6.05 16.59 33.09
CA SER D 64 4.73 16.90 33.61
C SER D 64 4.13 18.09 32.90
N GLY D 65 2.80 18.15 32.85
CA GLY D 65 2.15 19.26 32.19
C GLY D 65 1.06 19.86 33.06
N SER D 66 0.76 21.13 32.81
CA SER D 66 -0.31 21.80 33.53
C SER D 66 -0.97 22.85 32.63
N LYS D 67 -2.17 23.25 33.02
CA LYS D 67 -2.96 24.22 32.26
C LYS D 67 -3.67 25.18 33.19
N SER D 68 -3.50 26.48 32.96
CA SER D 68 -4.24 27.47 33.74
C SER D 68 -4.70 28.61 32.86
N GLY D 69 -6.00 28.84 32.84
CA GLY D 69 -6.56 29.86 31.99
C GLY D 69 -6.38 29.47 30.54
N THR D 70 -5.74 30.34 29.79
CA THR D 70 -5.50 30.09 28.38
C THR D 70 -4.03 29.82 28.13
N SER D 71 -3.36 29.32 29.17
CA SER D 71 -1.94 29.01 29.09
C SER D 71 -1.68 27.56 29.49
N ALA D 72 -0.54 27.03 29.05
CA ALA D 72 -0.14 25.69 29.44
C ALA D 72 1.36 25.65 29.64
N SER D 73 1.82 24.67 30.40
CA SER D 73 3.24 24.56 30.68
C SER D 73 3.68 23.11 30.72
N LEU D 74 4.81 22.84 30.09
CA LEU D 74 5.45 21.54 30.19
C LEU D 74 6.65 21.71 31.08
N ALA D 75 6.77 20.86 32.08
CA ALA D 75 7.95 20.88 32.96
C ALA D 75 8.76 19.60 32.82
N ILE D 76 10.06 19.74 32.67
CA ILE D 76 10.96 18.61 32.66
C ILE D 76 11.83 18.74 33.91
N SER D 77 11.58 17.90 34.89
CA SER D 77 12.41 17.88 36.09
C SER D 77 13.63 17.06 35.72
N GLY D 78 14.75 17.33 36.38
CA GLY D 78 15.96 16.53 36.20
C GLY D 78 16.36 16.28 34.76
N LEU D 79 16.60 17.36 34.03
CA LEU D 79 16.95 17.29 32.61
C LEU D 79 18.02 16.28 32.30
N GLN D 80 17.79 15.48 31.26
CA GLN D 80 18.77 14.51 30.80
C GLN D 80 19.23 14.89 29.41
N SER D 81 20.43 14.45 29.03
CA SER D 81 20.97 14.78 27.72
C SER D 81 20.05 14.31 26.59
N GLU D 82 19.38 13.20 26.80
CA GLU D 82 18.52 12.65 25.74
C GLU D 82 17.26 13.49 25.52
N ASP D 83 17.05 14.50 26.36
CA ASP D 83 15.87 15.36 26.23
C ASP D 83 16.05 16.50 25.24
N GLU D 84 17.24 16.64 24.69
CA GLU D 84 17.46 17.66 23.66
C GLU D 84 16.62 17.30 22.43
N ALA D 85 15.65 18.16 22.11
CA ALA D 85 14.65 17.87 21.10
C ALA D 85 13.79 19.10 20.86
N GLU D 86 12.88 19.04 19.89
CA GLU D 86 11.86 20.08 19.72
C GLU D 86 10.60 19.65 20.50
N TYR D 87 9.92 20.60 21.14
CA TYR D 87 8.70 20.31 21.88
C TYR D 87 7.53 21.13 21.35
N TYR D 88 6.40 20.47 21.09
CA TYR D 88 5.20 21.14 20.59
C TYR D 88 4.03 20.98 21.54
N CYS D 89 3.35 22.07 21.83
CA CYS D 89 2.04 21.99 22.47
C CYS D 89 0.96 21.92 21.38
N ALA D 90 -0.23 21.45 21.74
CA ALA D 90 -1.31 21.29 20.75
C ALA D 90 -2.66 21.24 21.47
N ALA D 91 -3.71 21.65 20.75
CA ALA D 91 -5.07 21.57 21.30
C ALA D 91 -6.04 21.67 20.14
N TRP D 92 -7.26 21.21 20.34
CA TRP D 92 -8.30 21.49 19.37
C TRP D 92 -8.73 22.95 19.51
N ASP D 93 -9.08 23.59 18.40
CA ASP D 93 -9.58 24.96 18.42
C ASP D 93 -11.02 24.97 17.91
N ASP D 94 -11.94 25.43 18.76
CA ASP D 94 -13.36 25.41 18.42
C ASP D 94 -13.79 26.50 17.44
N SER D 95 -12.90 27.46 17.19
CA SER D 95 -13.22 28.53 16.25
C SER D 95 -12.83 28.14 14.84
N LEU D 96 -11.68 27.48 14.72
CA LEU D 96 -11.19 27.03 13.42
C LEU D 96 -11.77 25.67 13.10
N LYS D 97 -12.35 25.04 14.12
CA LYS D 97 -12.81 23.67 14.01
C LYS D 97 -11.70 22.75 13.49
N GLY D 98 -10.54 22.81 14.15
CA GLY D 98 -9.41 21.99 13.74
C GLY D 98 -8.33 21.91 14.80
N ALA D 99 -7.40 20.98 14.64
CA ALA D 99 -6.34 20.84 15.58
C ALA D 99 -5.29 21.94 15.32
N VAL D 100 -4.76 22.52 16.40
CA VAL D 100 -3.68 23.50 16.26
C VAL D 100 -2.46 23.11 17.07
N PHE D 101 -1.31 23.66 16.67
CA PHE D 101 -0.04 23.38 17.31
C PHE D 101 0.67 24.68 17.65
N GLY D 102 1.50 24.67 18.69
CA GLY D 102 2.42 25.76 18.89
C GLY D 102 3.53 25.73 17.86
N GLY D 103 4.32 26.79 17.80
CA GLY D 103 5.38 26.90 16.82
C GLY D 103 6.58 26.01 17.10
N GLY D 104 6.62 25.45 18.30
CA GLY D 104 7.71 24.57 18.69
C GLY D 104 8.77 25.29 19.52
N THR D 105 9.34 24.57 20.48
CA THR D 105 10.46 25.06 21.29
C THR D 105 11.66 24.12 21.17
N GLN D 106 12.81 24.65 20.77
CA GLN D 106 14.03 23.87 20.73
C GLN D 106 14.68 23.88 22.11
N LEU D 107 14.85 22.70 22.68
CA LEU D 107 15.50 22.58 23.98
C LEU D 107 16.94 22.19 23.78
N THR D 108 17.85 22.95 24.37
CA THR D 108 19.26 22.65 24.27
C THR D 108 19.75 22.19 25.65
N VAL D 109 20.49 21.08 25.71
CA VAL D 109 21.08 20.69 26.98
C VAL D 109 22.47 21.26 27.02
N LEU D 110 22.71 22.15 27.99
CA LEU D 110 23.97 22.86 28.06
C LEU D 110 25.09 21.94 28.56
N PRO D 113 29.79 22.96 26.12
CA PRO D 113 30.93 23.81 25.78
C PRO D 113 30.88 24.36 24.36
N LYS D 114 31.23 25.64 24.20
CA LYS D 114 31.35 26.23 22.87
C LYS D 114 32.43 25.53 22.06
N ALA D 115 32.21 25.44 20.76
CA ALA D 115 33.21 24.87 19.86
C ALA D 115 33.29 25.69 18.59
N ALA D 116 34.49 26.18 18.26
CA ALA D 116 34.68 27.00 17.07
C ALA D 116 34.62 26.14 15.81
N PRO D 117 34.12 26.72 14.71
CA PRO D 117 34.01 25.98 13.43
C PRO D 117 35.35 25.72 12.74
N SER D 118 35.57 24.47 12.33
CA SER D 118 36.64 24.13 11.40
C SER D 118 36.18 24.53 9.99
N VAL D 119 37.03 25.21 9.24
CA VAL D 119 36.67 25.59 7.87
C VAL D 119 37.63 24.97 6.84
N THR D 120 37.09 24.53 5.71
CA THR D 120 37.88 24.10 4.56
C THR D 120 37.30 24.77 3.32
N LEU D 121 38.15 25.42 2.53
CA LEU D 121 37.68 26.09 1.33
C LEU D 121 38.38 25.54 0.09
N PHE D 122 37.60 24.97 -0.82
CA PHE D 122 38.14 24.44 -2.07
C PHE D 122 37.90 25.43 -3.21
N PRO D 123 38.93 25.64 -4.04
CA PRO D 123 38.81 26.47 -5.24
C PRO D 123 38.17 25.64 -6.36
N PRO D 124 37.69 26.32 -7.42
CA PRO D 124 37.13 25.61 -8.58
C PRO D 124 38.11 24.59 -9.15
N SER D 125 37.61 23.40 -9.50
CA SER D 125 38.45 22.39 -10.12
C SER D 125 38.71 22.75 -11.58
N SER D 126 39.82 22.27 -12.13
CA SER D 126 40.16 22.55 -13.51
C SER D 126 39.11 21.99 -14.45
N GLU D 127 38.64 20.79 -14.13
CA GLU D 127 37.58 20.14 -14.90
C GLU D 127 36.36 21.04 -15.04
N GLU D 128 35.96 21.68 -13.95
CA GLU D 128 34.77 22.51 -13.95
C GLU D 128 34.95 23.78 -14.78
N LEU D 129 36.16 24.33 -14.74
CA LEU D 129 36.49 25.50 -15.54
C LEU D 129 36.33 25.19 -17.02
N GLN D 130 36.77 23.98 -17.41
CA GLN D 130 36.63 23.50 -18.78
C GLN D 130 35.16 23.41 -19.19
N ALA D 131 34.29 23.17 -18.21
CA ALA D 131 32.86 23.11 -18.47
C ALA D 131 32.23 24.49 -18.31
N ASN D 132 33.07 25.51 -18.29
CA ASN D 132 32.65 26.91 -18.26
C ASN D 132 31.84 27.30 -17.03
N LYS D 133 32.11 26.62 -15.92
CA LYS D 133 31.53 26.99 -14.62
C LYS D 133 32.64 27.06 -13.57
N ALA D 134 32.36 27.72 -12.45
CA ALA D 134 33.31 27.77 -11.34
C ALA D 134 32.57 27.81 -10.00
N THR D 135 32.89 26.85 -9.13
CA THR D 135 32.25 26.79 -7.82
C THR D 135 33.24 26.80 -6.66
N LEU D 136 33.08 27.77 -5.77
CA LEU D 136 33.85 27.79 -4.54
C LEU D 136 33.08 27.11 -3.41
N VAL D 137 33.70 26.10 -2.81
CA VAL D 137 33.06 25.25 -1.82
C VAL D 137 33.63 25.49 -0.43
N CYS D 138 32.80 26.03 0.46
CA CYS D 138 33.21 26.32 1.83
C CYS D 138 32.53 25.36 2.81
N LEU D 139 33.34 24.49 3.42
CA LEU D 139 32.82 23.46 4.31
C LEU D 139 33.05 23.78 5.79
N ILE D 140 31.94 23.92 6.54
CA ILE D 140 32.02 24.32 7.94
C ILE D 140 31.61 23.16 8.86
N SER D 141 32.45 22.86 9.85
CA SER D 141 32.17 21.69 10.69
C SER D 141 32.53 21.91 12.15
N ASP D 142 32.02 21.04 13.01
CA ASP D 142 32.38 21.00 14.43
C ASP D 142 32.17 22.31 15.21
N PHE D 143 31.08 23.01 14.94
CA PHE D 143 30.75 24.18 15.76
C PHE D 143 29.57 23.98 16.69
N TYR D 144 29.58 24.69 17.81
CA TYR D 144 28.48 24.70 18.77
C TYR D 144 28.52 26.02 19.55
N PRO D 145 27.34 26.66 19.76
CA PRO D 145 25.99 26.28 19.32
C PRO D 145 25.83 26.27 17.79
N GLY D 146 24.74 25.67 17.32
CA GLY D 146 24.58 25.39 15.89
C GLY D 146 24.04 26.52 15.05
N ALA D 147 24.73 27.65 15.07
CA ALA D 147 24.30 28.80 14.29
C ALA D 147 25.50 29.64 13.85
N VAL D 148 25.78 29.62 12.55
CA VAL D 148 26.84 30.46 11.98
C VAL D 148 26.25 31.37 10.91
N THR D 149 27.00 32.41 10.57
CA THR D 149 26.65 33.20 9.38
C THR D 149 27.88 33.24 8.48
N VAL D 150 27.66 33.36 7.18
CA VAL D 150 28.74 33.24 6.20
C VAL D 150 28.84 34.46 5.30
N ALA D 151 30.05 35.01 5.21
CA ALA D 151 30.32 36.14 4.33
C ALA D 151 31.38 35.78 3.29
N TRP D 152 31.10 36.09 2.03
CA TRP D 152 32.04 35.83 0.94
C TRP D 152 32.79 37.09 0.53
N LYS D 153 34.11 36.96 0.40
CA LYS D 153 34.97 38.09 0.04
C LYS D 153 35.58 37.95 -1.35
N ALA D 154 35.35 38.94 -2.20
CA ALA D 154 35.97 38.96 -3.51
C ALA D 154 37.00 40.06 -3.34
N ASP D 155 38.27 39.72 -3.49
CA ASP D 155 39.28 40.71 -3.19
C ASP D 155 38.94 41.04 -1.74
N SER D 156 38.79 42.32 -1.43
CA SER D 156 38.38 42.74 -0.10
C SER D 156 36.91 43.17 -0.06
N SER D 157 36.17 42.93 -1.15
CA SER D 157 34.82 43.42 -1.28
C SER D 157 33.80 42.31 -1.05
N PRO D 158 32.65 42.66 -0.45
CA PRO D 158 31.58 41.69 -0.20
C PRO D 158 30.85 41.28 -1.48
N VAL D 159 30.72 39.96 -1.68
CA VAL D 159 29.95 39.44 -2.80
C VAL D 159 28.46 39.58 -2.49
N LYS D 160 27.68 40.00 -3.47
CA LYS D 160 26.24 40.10 -3.29
C LYS D 160 25.48 39.32 -4.35
N ALA D 161 26.00 38.15 -4.72
CA ALA D 161 25.38 37.30 -5.73
C ALA D 161 25.97 35.90 -5.72
N GLY D 162 25.13 34.92 -6.07
CA GLY D 162 25.58 33.55 -6.26
C GLY D 162 26.01 32.83 -5.00
N VAL D 163 25.63 33.37 -3.84
CA VAL D 163 25.94 32.72 -2.58
C VAL D 163 24.76 31.88 -2.10
N GLU D 164 24.99 30.59 -1.92
CA GLU D 164 23.95 29.70 -1.41
C GLU D 164 24.51 28.89 -0.24
N THR D 165 23.88 29.03 0.92
CA THR D 165 24.35 28.40 2.14
C THR D 165 23.26 27.53 2.79
N THR D 166 23.64 26.33 3.21
CA THR D 166 22.70 25.40 3.84
C THR D 166 22.34 25.85 5.24
N THR D 167 21.28 25.24 5.78
CA THR D 167 20.98 25.36 7.20
C THR D 167 22.02 24.54 7.97
N PRO D 168 22.22 24.87 9.26
CA PRO D 168 23.11 24.05 10.09
C PRO D 168 22.48 22.69 10.40
N SER D 169 23.30 21.65 10.41
CA SER D 169 22.83 20.30 10.72
C SER D 169 23.68 19.65 11.80
N LYS D 170 23.05 18.88 12.67
CA LYS D 170 23.74 18.27 13.79
C LYS D 170 24.58 17.07 13.36
N GLN D 171 25.85 17.08 13.73
CA GLN D 171 26.75 15.97 13.44
C GLN D 171 26.58 14.87 14.47
N SER D 172 27.26 13.75 14.26
CA SER D 172 27.19 12.64 15.20
C SER D 172 27.79 13.02 16.56
N ASN D 173 28.70 13.99 16.55
CA ASN D 173 29.36 14.41 17.79
C ASN D 173 28.59 15.53 18.49
N ASN D 174 27.32 15.69 18.14
CA ASN D 174 26.45 16.70 18.72
C ASN D 174 26.89 18.14 18.47
N LYS D 175 27.89 18.31 17.62
CA LYS D 175 28.25 19.63 17.12
C LYS D 175 27.57 19.78 15.75
N TYR D 176 27.72 20.94 15.13
CA TYR D 176 27.00 21.22 13.89
C TYR D 176 27.89 21.40 12.66
N ALA D 177 27.28 21.22 11.50
CA ALA D 177 27.97 21.40 10.23
C ALA D 177 27.10 22.20 9.29
N ALA D 178 27.74 22.92 8.38
CA ALA D 178 27.04 23.63 7.32
C ALA D 178 27.94 23.65 6.10
N SER D 179 27.44 24.22 5.01
CA SER D 179 28.27 24.44 3.83
C SER D 179 27.72 25.60 3.00
N SER D 180 28.63 26.37 2.40
CA SER D 180 28.21 27.49 1.59
C SER D 180 28.89 27.41 0.24
N TYR D 181 28.14 27.75 -0.80
CA TYR D 181 28.63 27.62 -2.16
C TYR D 181 28.65 28.96 -2.88
N LEU D 182 29.78 29.27 -3.51
CA LEU D 182 29.90 30.46 -4.33
C LEU D 182 30.00 30.09 -5.81
N SER D 183 29.07 30.61 -6.60
CA SER D 183 29.04 30.31 -8.03
C SER D 183 29.51 31.52 -8.84
N LEU D 184 30.52 31.29 -9.67
CA LEU D 184 31.11 32.37 -10.46
C LEU D 184 31.42 31.90 -11.87
N THR D 185 31.47 32.85 -12.80
CA THR D 185 31.97 32.59 -14.13
C THR D 185 33.47 32.43 -14.03
N PRO D 186 34.06 31.55 -14.87
CA PRO D 186 35.51 31.37 -14.90
C PRO D 186 36.23 32.71 -15.10
N GLU D 187 35.56 33.65 -15.76
CA GLU D 187 36.10 35.00 -15.93
C GLU D 187 36.19 35.74 -14.60
N GLN D 188 35.14 35.63 -13.77
CA GLN D 188 35.14 36.27 -12.46
C GLN D 188 36.18 35.64 -11.54
N TRP D 189 36.42 34.35 -11.73
CA TRP D 189 37.47 33.64 -11.00
C TRP D 189 38.85 34.11 -11.44
N LYS D 190 38.97 34.51 -12.70
CA LYS D 190 40.22 35.09 -13.20
C LYS D 190 40.31 36.58 -12.87
N SER D 191 39.16 37.24 -12.79
CA SER D 191 39.09 38.69 -12.65
C SER D 191 39.63 39.20 -11.32
N HIS D 192 39.77 38.31 -10.34
CA HIS D 192 40.26 38.70 -9.03
C HIS D 192 41.44 37.83 -8.58
N ARG D 193 42.19 38.30 -7.61
CA ARG D 193 43.41 37.61 -7.18
C ARG D 193 43.17 36.81 -5.91
N SER D 194 42.04 37.08 -5.25
CA SER D 194 41.73 36.43 -3.98
C SER D 194 40.23 36.33 -3.70
N TYR D 195 39.83 35.13 -3.25
CA TYR D 195 38.47 34.93 -2.77
C TYR D 195 38.54 34.33 -1.37
N SER D 196 37.62 34.78 -0.50
CA SER D 196 37.64 34.36 0.90
C SER D 196 36.26 34.01 1.48
N CYS D 197 36.21 32.88 2.19
CA CYS D 197 34.99 32.51 2.91
C CYS D 197 35.13 32.91 4.38
N GLN D 198 34.25 33.78 4.85
CA GLN D 198 34.31 34.29 6.23
C GLN D 198 33.16 33.74 7.05
N VAL D 199 33.47 32.92 8.04
CA VAL D 199 32.47 32.30 8.89
C VAL D 199 32.52 32.85 10.31
N THR D 200 31.49 33.60 10.71
CA THR D 200 31.41 34.14 12.05
C THR D 200 30.54 33.28 12.97
N HIS D 201 31.05 32.96 14.16
CA HIS D 201 30.37 32.08 15.10
C HIS D 201 30.52 32.62 16.52
N GLU D 202 29.42 33.11 17.07
CA GLU D 202 29.43 33.77 18.38
C GLU D 202 30.42 34.92 18.42
N GLY D 203 30.26 35.87 17.50
CA GLY D 203 31.12 37.04 17.42
C GLY D 203 32.47 36.83 16.76
N SER D 204 33.12 35.71 17.07
CA SER D 204 34.43 35.40 16.52
C SER D 204 34.35 34.88 15.09
N THR D 205 35.28 35.33 14.24
CA THR D 205 35.24 35.00 12.80
C THR D 205 36.39 34.11 12.36
N VAL D 206 36.06 32.95 11.77
CA VAL D 206 37.05 32.09 11.14
C VAL D 206 37.07 32.39 9.64
N GLU D 207 38.25 32.44 9.05
CA GLU D 207 38.40 32.78 7.65
C GLU D 207 39.36 31.84 6.92
N LYS D 208 39.06 31.57 5.65
CA LYS D 208 39.99 30.88 4.76
C LYS D 208 39.97 31.56 3.40
N THR D 209 40.99 31.28 2.60
CA THR D 209 41.20 31.99 1.34
C THR D 209 41.86 31.10 0.30
N VAL D 210 41.43 31.22 -0.96
CA VAL D 210 42.10 30.57 -2.07
C VAL D 210 42.39 31.56 -3.19
N ALA D 211 43.46 31.30 -3.94
CA ALA D 211 43.84 32.18 -5.05
C ALA D 211 43.93 31.41 -6.37
N PRO D 212 43.42 32.02 -7.45
CA PRO D 212 43.47 31.42 -8.79
C PRO D 212 44.88 31.44 -9.37
#